data_6MYQ
#
_entry.id   6MYQ
#
_cell.length_a   69.910
_cell.length_b   84.553
_cell.length_c   290.523
_cell.angle_alpha   90.000
_cell.angle_beta   90.000
_cell.angle_gamma   90.000
#
_symmetry.space_group_name_H-M   'P 21 21 21'
#
loop_
_entity.id
_entity.type
_entity.pdbx_description
1 polymer 'Succinate dehydrogenase [ubiquinone] flavoprotein subunit, mitochondrial'
2 polymer 'Succinate dehydrogenase [ubiquinone] iron-sulfur subunit, mitochondrial'
3 polymer 'Succinate dehydrogenase cytochrome b, large subunit'
4 polymer 'Succinate dehydrogenase [ubiquinone] cytochrome b small subunit, mitochondrial'
5 non-polymer 'FLAVIN-ADENINE DINUCLEOTIDE'
6 non-polymer '(~{Z})-2-oxidanylbut-2-enedioic acid'
7 non-polymer 'POTASSIUM ION'
8 non-polymer 'UNKNOWN LIGAND'
9 non-polymer DI(HYDROXYETHYL)ETHER
10 non-polymer METHANOL
11 non-polymer 'FE2/S2 (INORGANIC) CLUSTER'
12 non-polymer 'IRON/SULFUR CLUSTER'
13 non-polymer 'FE3-S4 CLUSTER'
14 non-polymer 'PROTOPORPHYRIN IX CONTAINING FE'
15 non-polymer 4-oxidanyl-3-[(2~{E},6~{E})-3,7,11-trimethyldodeca-2,6,10-trienyl]chromen-2-one
16 non-polymer UNDECYL-MALTOSIDE
17 non-polymer 1,2-Distearoyl-sn-glycerophosphoethanolamine
18 water water
#
loop_
_entity_poly.entity_id
_entity_poly.type
_entity_poly.pdbx_seq_one_letter_code
_entity_poly.pdbx_strand_id
1 'polypeptide(L)'
;STKVSDSISTQYPVVDHEFDAVVVGAGGAGLRAAFGLSEAGFNTACVTKLFPTRSHTVAAQGGINAALGNMEDDNWRWHF
YDTVKGSDWLGDQDAIHYMTEQAPAAVIELENYGMPFSRTEEGKIYQRAFGGQSLQFGKGGQAHRCCCVADRTGHSLLHT
LYGRSLRYDTSYFVEYFALDLLMENGECRGVIALCIEDGTIHRFRAKNTVIATGGYGRTYFSCTSAHTSTGDGTAMVTRA
GLPCQDLEFVQFHPTGIYGAGCLITEGCRGEGGILINSQGERFMERYAPVAKDLASRDVVSRSMTIEIREGRGCGPEKDH
VYLQLHHLPPQQLATRLPGISETAMIFAGVDVTKEPIPVLPTVHYNMGGIPTNYKGQVITHVNGEDKVVPGLYACGEAAS
ASVHGANRLGANSLLDLVVFGRACALTIAETCKPGEPVPSIKPNAGEESVANLDKLRFADGTIRTSEARLNMQKTMQSHA
AVFRTGSILQEGCEKLSQIYRDLAHLKTFDRGIVWNTDLVETLELQNLMLCALQTIYGAEARKESRGAHAREDYKLRIDE
FDYSKPLQGQQKRPFEEHWRKHTLSYVDVKSGKVTLKYRPVIDRTLNEEDCSSVPPAIRSY
;
A
2 'polypeptide(L)'
;AQTAAAATSRIKKFSIYRWDPDKPGDKPRMQTYEVDLNKCGPMVLDALIKIKNELDSTLTFRRSCREGICGSCAMNIAGG
NTLACTKKIDPDLSKTTKIYPLPHMYVVKDLVPDLSNFYAQYKSIEPYLKKKDESKQGKEQYLQSIEDRQKLDGLYECIL
CACCSTSCPSYWWNGDKYLGPAVLMQAYRWMIDSRDDYTEERLAQLQDPFSLYRCHTIMNCTRTCPKGLNPGKAIAEIKK
MMATYKEKAAAA
;
B
3 'polypeptide(L)'
;MATTAKEEMARFWE(MLZ)NTKSSRPLSPHISIYKWSLPMAMSITHRGTGVALSLGVSLFSLAALLLPEQFPHYVAVVKS
LSLSPALIYSAKFALVFPLSYHTWNGIRHLVWDMGKGFKLSQVEQSGVVVLILTLLSSAAIAAM
;
C
4 'polypeptide(L)'
;GSSKAASLHWTSERAVSALLLGLLPAAYLYPGPAVDYSLAAALTLHGHWGLGQVITDYVHGDTPIKVANTGLYVLSAITF
TGLCYFNYYDVGICKAVAMLWSI
;
D
#
loop_
_chem_comp.id
_chem_comp.type
_chem_comp.name
_chem_comp.formula
3PE non-polymer 1,2-Distearoyl-sn-glycerophosphoethanolamine 'C41 H82 N O8 P'
9AU non-polymer 4-oxidanyl-3-[(2~{E},6~{E})-3,7,11-trimethyldodeca-2,6,10-trienyl]chromen-2-one 'C24 H30 O3'
F3S non-polymer 'FE3-S4 CLUSTER' 'Fe3 S4'
FAD non-polymer 'FLAVIN-ADENINE DINUCLEOTIDE' 'C27 H33 N9 O15 P2'
FES non-polymer 'FE2/S2 (INORGANIC) CLUSTER' 'Fe2 S2'
HEM non-polymer 'PROTOPORPHYRIN IX CONTAINING FE' 'C34 H32 Fe N4 O4'
K non-polymer 'POTASSIUM ION' 'K 1'
MOH non-polymer METHANOL 'C H4 O'
PEG non-polymer DI(HYDROXYETHYL)ETHER 'C4 H10 O3'
SF4 non-polymer 'IRON/SULFUR CLUSTER' 'Fe4 S4'
UMQ non-polymer UNDECYL-MALTOSIDE 'C23 H44 O11'
UNL non-polymer 'UNKNOWN LIGAND' ?
Y3P non-polymer '(~{Z})-2-oxidanylbut-2-enedioic acid' 'C4 H4 O5'
#
# COMPACT_ATOMS: atom_id res chain seq x y z
N GLN A 11 -20.35 -27.42 13.06
CA GLN A 11 -20.54 -26.92 11.71
C GLN A 11 -19.35 -26.06 11.28
N TYR A 12 -18.61 -25.55 12.26
CA TYR A 12 -17.38 -24.80 12.00
C TYR A 12 -16.21 -25.51 12.65
N PRO A 13 -15.26 -26.03 11.87
CA PRO A 13 -14.05 -26.62 12.46
C PRO A 13 -13.23 -25.53 13.13
N VAL A 14 -12.96 -25.70 14.42
CA VAL A 14 -12.19 -24.73 15.21
C VAL A 14 -10.75 -25.20 15.33
N VAL A 15 -9.80 -24.31 15.03
CA VAL A 15 -8.37 -24.60 15.11
C VAL A 15 -7.79 -23.82 16.28
N ASP A 16 -7.11 -24.53 17.19
CA ASP A 16 -6.63 -23.96 18.45
C ASP A 16 -5.12 -23.74 18.39
N HIS A 17 -4.67 -22.55 18.77
CA HIS A 17 -3.27 -22.16 18.74
C HIS A 17 -2.81 -21.72 20.12
N GLU A 18 -1.51 -21.83 20.38
CA GLU A 18 -0.91 -21.41 21.65
C GLU A 18 0.31 -20.55 21.38
N PHE A 19 0.31 -19.33 21.93
CA PHE A 19 1.43 -18.40 21.79
C PHE A 19 1.72 -17.79 23.16
N ASP A 20 2.87 -17.10 23.28
CA ASP A 20 3.10 -16.28 24.46
C ASP A 20 2.26 -15.01 24.39
N ALA A 21 2.06 -14.48 23.19
CA ALA A 21 1.37 -13.21 23.01
C ALA A 21 0.72 -13.14 21.63
N VAL A 22 -0.42 -12.47 21.57
N VAL A 22 -0.44 -12.50 21.57
CA VAL A 22 -1.19 -12.27 20.35
CA VAL A 22 -1.17 -12.29 20.32
C VAL A 22 -1.39 -10.78 20.17
C VAL A 22 -1.42 -10.80 20.15
N VAL A 23 -0.94 -10.25 19.04
CA VAL A 23 -1.20 -8.86 18.66
C VAL A 23 -2.29 -8.86 17.60
N VAL A 24 -3.34 -8.08 17.82
CA VAL A 24 -4.44 -7.97 16.86
C VAL A 24 -4.29 -6.62 16.17
N GLY A 25 -3.92 -6.66 14.89
CA GLY A 25 -3.67 -5.44 14.15
C GLY A 25 -2.24 -5.37 13.66
N ALA A 26 -2.05 -4.88 12.43
CA ALA A 26 -0.75 -4.87 11.78
C ALA A 26 -0.51 -3.53 11.12
N GLY A 27 -1.13 -2.48 11.65
CA GLY A 27 -0.74 -1.13 11.28
C GLY A 27 0.57 -0.80 11.98
N GLY A 28 0.80 0.49 12.18
CA GLY A 28 2.06 0.91 12.77
C GLY A 28 2.22 0.45 14.21
N ALA A 29 1.15 0.49 14.98
CA ALA A 29 1.24 0.09 16.38
C ALA A 29 1.37 -1.41 16.52
N GLY A 30 0.56 -2.18 15.77
CA GLY A 30 0.62 -3.63 15.93
C GLY A 30 1.92 -4.21 15.41
N LEU A 31 2.38 -3.72 14.27
CA LEU A 31 3.71 -4.12 13.79
C LEU A 31 4.78 -3.87 14.84
N ARG A 32 4.83 -2.65 15.39
CA ARG A 32 5.87 -2.35 16.38
C ARG A 32 5.77 -3.23 17.64
N ALA A 33 4.54 -3.41 18.15
CA ALA A 33 4.35 -4.31 19.28
C ALA A 33 4.73 -5.74 18.93
N ALA A 34 4.32 -6.22 17.76
CA ALA A 34 4.48 -7.63 17.43
C ALA A 34 5.96 -8.01 17.30
N PHE A 35 6.74 -7.30 16.48
CA PHE A 35 8.15 -7.72 16.36
C PHE A 35 8.94 -7.34 17.60
N GLY A 36 8.55 -6.26 18.28
CA GLY A 36 9.14 -5.98 19.58
C GLY A 36 8.99 -7.14 20.56
N LEU A 37 7.82 -7.78 20.55
CA LEU A 37 7.61 -8.94 21.43
C LEU A 37 8.51 -10.10 20.99
N SER A 38 8.51 -10.42 19.69
CA SER A 38 9.39 -11.48 19.17
C SER A 38 10.85 -11.18 19.47
N GLU A 39 11.26 -9.91 19.35
CA GLU A 39 12.64 -9.50 19.63
C GLU A 39 13.02 -9.69 21.10
N ALA A 40 12.05 -9.69 22.00
CA ALA A 40 12.29 -9.99 23.41
C ALA A 40 12.24 -11.47 23.72
N GLY A 41 12.11 -12.33 22.69
CA GLY A 41 12.08 -13.77 22.89
C GLY A 41 10.70 -14.38 23.03
N PHE A 42 9.64 -13.59 22.86
CA PHE A 42 8.29 -14.09 23.02
C PHE A 42 7.79 -14.65 21.68
N ASN A 43 7.18 -15.84 21.73
CA ASN A 43 6.59 -16.47 20.56
C ASN A 43 5.25 -15.80 20.31
N THR A 44 5.17 -14.99 19.26
CA THR A 44 4.10 -14.00 19.09
C THR A 44 3.37 -14.21 17.77
N ALA A 45 2.04 -14.24 17.84
CA ALA A 45 1.19 -14.22 16.66
C ALA A 45 0.74 -12.80 16.40
N CYS A 46 0.70 -12.41 15.13
CA CYS A 46 0.07 -11.16 14.71
C CYS A 46 -1.10 -11.49 13.79
N VAL A 47 -2.29 -11.12 14.21
CA VAL A 47 -3.55 -11.49 13.56
C VAL A 47 -4.10 -10.23 12.91
N THR A 48 -4.26 -10.24 11.59
CA THR A 48 -4.65 -9.00 10.95
C THR A 48 -5.67 -9.28 9.85
N LYS A 49 -6.66 -8.40 9.73
CA LYS A 49 -7.69 -8.63 8.73
C LYS A 49 -7.25 -8.22 7.33
N LEU A 50 -6.28 -7.31 7.21
CA LEU A 50 -5.67 -6.88 5.95
C LEU A 50 -4.24 -7.37 5.91
N PHE A 51 -3.71 -7.55 4.71
CA PHE A 51 -2.26 -7.64 4.57
C PHE A 51 -1.65 -6.38 5.20
N PRO A 52 -0.51 -6.49 5.90
CA PRO A 52 -0.09 -5.39 6.79
C PRO A 52 0.13 -4.04 6.13
N THR A 53 0.67 -3.98 4.91
CA THR A 53 0.96 -2.68 4.33
C THR A 53 -0.29 -1.98 3.79
N ARG A 54 -1.47 -2.63 3.90
CA ARG A 54 -2.71 -2.01 3.48
C ARG A 54 -3.41 -1.26 4.60
N SER A 55 -2.89 -1.35 5.82
CA SER A 55 -3.50 -0.70 6.98
C SER A 55 -3.54 0.81 6.78
N HIS A 56 -4.53 1.45 7.44
CA HIS A 56 -4.75 2.88 7.25
C HIS A 56 -3.51 3.71 7.55
N THR A 57 -2.61 3.22 8.41
CA THR A 57 -1.34 3.87 8.66
C THR A 57 -0.59 4.18 7.35
N VAL A 58 -0.72 3.31 6.34
CA VAL A 58 -0.11 3.54 5.03
C VAL A 58 -0.54 4.84 4.36
N ALA A 59 -1.68 5.40 4.74
CA ALA A 59 -2.24 6.59 4.12
C ALA A 59 -1.84 7.86 4.84
N ALA A 60 -1.11 7.76 5.95
CA ALA A 60 -0.69 8.95 6.67
C ALA A 60 0.35 9.74 5.87
N GLN A 61 0.35 11.06 6.06
CA GLN A 61 1.04 11.99 5.16
C GLN A 61 2.05 12.94 5.83
N GLY A 62 1.58 13.78 6.77
CA GLY A 62 2.37 14.95 7.18
C GLY A 62 3.62 14.66 8.00
N GLY A 63 3.57 13.68 8.89
CA GLY A 63 4.82 13.25 9.50
C GLY A 63 4.63 12.76 10.92
N ILE A 64 5.74 12.81 11.67
CA ILE A 64 5.76 12.27 13.01
C ILE A 64 6.65 13.12 13.90
N ASN A 65 6.07 13.63 14.99
CA ASN A 65 6.74 14.62 15.83
C ASN A 65 7.83 14.01 16.68
N ALA A 66 8.97 14.71 16.75
CA ALA A 66 9.99 14.39 17.73
C ALA A 66 10.95 15.56 17.83
N ALA A 67 11.29 15.92 19.06
CA ALA A 67 12.16 17.07 19.33
C ALA A 67 13.63 16.74 19.08
N LEU A 68 13.93 16.46 17.81
CA LEU A 68 15.30 16.15 17.40
C LEU A 68 16.17 17.40 17.30
N GLY A 69 15.56 18.57 17.18
CA GLY A 69 16.29 19.81 17.05
C GLY A 69 17.11 19.95 15.79
N ASN A 70 16.67 19.37 14.68
CA ASN A 70 17.40 19.44 13.42
C ASN A 70 17.19 20.76 12.67
N MET A 71 16.12 21.50 12.97
CA MET A 71 15.87 22.79 12.33
C MET A 71 16.19 23.97 13.23
N GLU A 72 15.96 23.82 14.53
CA GLU A 72 16.31 24.81 15.52
C GLU A 72 16.62 24.05 16.81
N ASP A 73 17.03 24.76 17.85
CA ASP A 73 17.13 24.10 19.14
C ASP A 73 15.73 23.75 19.65
N ASP A 74 15.54 22.52 20.08
CA ASP A 74 14.26 22.03 20.57
C ASP A 74 14.44 21.48 21.99
N ASN A 75 13.34 21.01 22.56
CA ASN A 75 13.33 20.42 23.90
C ASN A 75 12.05 19.61 23.94
N TRP A 76 12.14 18.31 24.21
CA TRP A 76 10.95 17.46 24.23
C TRP A 76 9.90 17.94 25.21
N ARG A 77 10.32 18.69 26.23
CA ARG A 77 9.38 19.23 27.21
C ARG A 77 8.46 20.28 26.59
N TRP A 78 8.92 20.98 25.54
CA TRP A 78 8.04 21.88 24.81
C TRP A 78 6.98 21.11 24.03
N HIS A 79 7.35 19.94 23.51
CA HIS A 79 6.42 19.04 22.83
C HIS A 79 5.44 18.44 23.83
N PHE A 80 5.95 18.07 25.01
CA PHE A 80 5.08 17.65 26.12
C PHE A 80 4.02 18.71 26.39
N TYR A 81 4.46 19.96 26.54
CA TYR A 81 3.54 21.04 26.88
C TYR A 81 2.51 21.23 25.78
N ASP A 82 2.97 21.28 24.51
CA ASP A 82 2.09 21.44 23.37
C ASP A 82 1.01 20.37 23.38
N THR A 83 1.41 19.12 23.67
CA THR A 83 0.45 18.01 23.66
C THR A 83 -0.56 18.16 24.78
N VAL A 84 -0.09 18.57 25.99
CA VAL A 84 -0.99 18.73 27.13
C VAL A 84 -2.00 19.84 26.84
N LYS A 85 -1.51 21.01 26.41
CA LYS A 85 -2.41 22.09 26.05
C LYS A 85 -3.27 21.69 24.86
N GLY A 86 -2.67 20.94 23.92
CA GLY A 86 -3.41 20.44 22.78
C GLY A 86 -4.63 19.62 23.22
N SER A 87 -4.44 18.72 24.18
CA SER A 87 -5.50 17.83 24.63
C SER A 87 -6.57 18.55 25.43
N ASP A 88 -6.40 19.83 25.72
CA ASP A 88 -7.38 20.58 26.51
C ASP A 88 -7.54 20.01 27.91
N TRP A 89 -6.44 19.49 28.46
CA TRP A 89 -6.38 18.99 29.84
C TRP A 89 -7.31 17.80 30.09
N LEU A 90 -7.66 17.05 29.04
CA LEU A 90 -8.18 15.69 29.19
C LEU A 90 -7.10 14.64 28.94
N GLY A 91 -5.90 15.06 28.52
CA GLY A 91 -4.80 14.12 28.36
C GLY A 91 -4.19 13.74 29.70
N ASP A 92 -3.78 12.48 29.81
CA ASP A 92 -3.03 12.04 30.98
C ASP A 92 -1.56 12.45 30.83
N GLN A 93 -1.08 13.29 31.74
CA GLN A 93 0.24 13.89 31.60
C GLN A 93 1.37 12.90 31.80
N ASP A 94 1.10 11.77 32.46
CA ASP A 94 2.11 10.71 32.55
C ASP A 94 2.34 10.05 31.21
N ALA A 95 1.25 9.71 30.49
CA ALA A 95 1.39 9.13 29.15
C ALA A 95 1.99 10.13 28.16
N ILE A 96 1.62 11.41 28.27
CA ILE A 96 2.18 12.44 27.39
C ILE A 96 3.67 12.65 27.67
N HIS A 97 4.08 12.56 28.94
CA HIS A 97 5.50 12.62 29.28
C HIS A 97 6.24 11.49 28.59
N TYR A 98 5.77 10.26 28.83
CA TYR A 98 6.39 9.09 28.21
C TYR A 98 6.47 9.24 26.69
N MET A 99 5.35 9.61 26.05
CA MET A 99 5.33 9.71 24.59
C MET A 99 6.31 10.76 24.08
N THR A 100 6.26 11.98 24.62
CA THR A 100 7.10 13.05 24.11
C THR A 100 8.57 12.88 24.49
N GLU A 101 8.86 12.28 25.65
CA GLU A 101 10.25 12.06 25.97
C GLU A 101 10.83 10.92 25.15
N GLN A 102 10.02 9.92 24.85
CA GLN A 102 10.45 8.81 24.02
C GLN A 102 10.53 9.15 22.54
N ALA A 103 9.99 10.31 22.12
CA ALA A 103 9.84 10.59 20.70
C ALA A 103 11.16 10.65 19.94
N PRO A 104 12.21 11.36 20.41
CA PRO A 104 13.50 11.32 19.66
C PRO A 104 14.05 9.92 19.44
N ALA A 105 14.10 9.09 20.49
CA ALA A 105 14.63 7.74 20.29
C ALA A 105 13.77 6.91 19.34
N ALA A 106 12.46 7.18 19.33
CA ALA A 106 11.55 6.40 18.51
C ALA A 106 11.69 6.77 17.04
N VAL A 107 11.75 8.07 16.73
CA VAL A 107 11.98 8.49 15.35
C VAL A 107 13.36 8.02 14.87
N ILE A 108 14.37 8.08 15.75
CA ILE A 108 15.69 7.62 15.33
C ILE A 108 15.68 6.12 15.05
N GLU A 109 14.96 5.35 15.86
CA GLU A 109 14.80 3.92 15.61
C GLU A 109 14.24 3.67 14.23
N LEU A 110 13.28 4.51 13.80
CA LEU A 110 12.68 4.33 12.48
C LEU A 110 13.66 4.67 11.37
N GLU A 111 14.44 5.75 11.52
CA GLU A 111 15.41 6.08 10.48
C GLU A 111 16.47 4.99 10.37
N ASN A 112 16.87 4.40 11.51
CA ASN A 112 17.85 3.32 11.51
C ASN A 112 17.29 2.02 10.94
N TYR A 113 15.97 1.82 10.97
CA TYR A 113 15.40 0.71 10.24
C TYR A 113 15.49 0.92 8.73
N GLY A 114 15.60 2.16 8.30
CA GLY A 114 15.72 2.43 6.88
C GLY A 114 14.64 3.35 6.36
N MET A 115 13.81 3.90 7.23
CA MET A 115 12.76 4.84 6.79
C MET A 115 13.38 6.00 6.01
N PRO A 116 12.96 6.24 4.77
CA PRO A 116 13.62 7.22 3.88
C PRO A 116 13.20 8.65 4.13
N PHE A 117 13.48 9.13 5.36
CA PHE A 117 13.15 10.50 5.72
C PHE A 117 13.71 11.51 4.73
N SER A 118 12.91 12.55 4.43
CA SER A 118 13.47 13.72 3.78
C SER A 118 14.61 14.26 4.62
N ARG A 119 15.54 14.97 3.98
CA ARG A 119 16.80 15.32 4.63
C ARG A 119 17.06 16.82 4.59
N THR A 120 17.92 17.29 5.49
CA THR A 120 18.36 18.67 5.51
C THR A 120 19.75 18.78 4.87
N GLU A 121 20.24 20.01 4.79
CA GLU A 121 21.59 20.24 4.26
C GLU A 121 22.67 19.59 5.11
N GLU A 122 22.39 19.27 6.37
CA GLU A 122 23.31 18.58 7.26
C GLU A 122 23.15 17.06 7.22
N GLY A 123 22.29 16.53 6.34
CA GLY A 123 22.08 15.11 6.28
C GLY A 123 21.11 14.56 7.30
N LYS A 124 20.56 15.41 8.16
CA LYS A 124 19.64 14.98 9.21
C LYS A 124 18.20 15.04 8.71
N ILE A 125 17.31 14.46 9.52
CA ILE A 125 15.91 14.30 9.19
C ILE A 125 15.24 15.67 9.08
N TYR A 126 14.61 15.94 7.94
CA TYR A 126 13.94 17.22 7.73
C TYR A 126 12.66 17.25 8.56
N GLN A 127 12.42 18.38 9.22
CA GLN A 127 11.20 18.54 10.02
C GLN A 127 10.50 19.84 9.63
N ARG A 128 9.17 19.79 9.55
CA ARG A 128 8.35 20.91 9.14
C ARG A 128 7.52 21.43 10.33
N ALA A 129 6.98 22.63 10.14
CA ALA A 129 5.99 23.17 11.07
C ALA A 129 4.68 22.41 10.93
N PHE A 130 3.88 22.43 11.99
CA PHE A 130 2.65 21.66 12.02
C PHE A 130 1.76 22.27 13.08
N GLY A 131 0.47 21.95 13.03
CA GLY A 131 -0.54 22.62 13.83
C GLY A 131 -0.36 22.54 15.34
N GLY A 132 -0.29 23.69 16.00
CA GLY A 132 -0.29 23.76 17.45
C GLY A 132 0.99 23.38 18.16
N GLN A 133 2.15 23.55 17.52
CA GLN A 133 3.42 23.24 18.15
C GLN A 133 4.27 24.49 18.25
N SER A 134 4.90 24.67 19.41
CA SER A 134 5.59 25.91 19.74
C SER A 134 6.88 25.63 20.48
N LEU A 135 7.74 26.65 20.55
CA LEU A 135 8.97 26.62 21.33
C LEU A 135 8.76 27.38 22.63
N GLN A 136 9.66 27.11 23.59
CA GLN A 136 9.67 27.80 24.89
C GLN A 136 8.34 27.70 25.64
N PHE A 137 7.79 26.49 25.74
CA PHE A 137 6.55 26.26 26.51
C PHE A 137 5.41 27.18 26.07
N GLY A 138 5.22 27.30 24.76
CA GLY A 138 4.15 28.11 24.24
C GLY A 138 4.48 29.57 24.04
N LYS A 139 5.73 29.99 24.25
CA LYS A 139 6.10 31.39 24.16
C LYS A 139 7.14 31.68 23.09
N GLY A 140 7.67 30.67 22.41
CA GLY A 140 8.85 30.86 21.59
C GLY A 140 8.69 30.88 20.09
N GLY A 141 7.46 30.94 19.57
CA GLY A 141 7.26 30.87 18.14
C GLY A 141 7.01 29.46 17.68
N GLN A 142 6.79 29.33 16.38
CA GLN A 142 6.38 28.06 15.78
C GLN A 142 7.50 27.04 15.87
N ALA A 143 7.16 25.83 16.30
CA ALA A 143 8.12 24.75 16.30
C ALA A 143 8.18 24.10 14.93
N HIS A 144 9.32 23.46 14.63
CA HIS A 144 9.53 22.71 13.40
C HIS A 144 10.06 21.31 13.77
N ARG A 145 9.17 20.46 14.30
CA ARG A 145 9.58 19.15 14.81
C ARG A 145 8.83 17.97 14.19
N CYS A 146 8.08 18.20 13.12
CA CYS A 146 7.35 17.13 12.45
C CYS A 146 8.24 16.52 11.39
N CYS A 147 8.83 15.36 11.72
CA CYS A 147 9.73 14.67 10.81
C CYS A 147 8.91 13.99 9.73
N CYS A 148 9.38 14.05 8.49
CA CYS A 148 8.52 13.61 7.41
C CYS A 148 9.33 12.96 6.29
N VAL A 149 8.65 12.09 5.56
CA VAL A 149 9.12 11.58 4.28
C VAL A 149 8.22 12.24 3.26
N ALA A 150 8.62 13.41 2.80
CA ALA A 150 7.79 14.23 1.92
C ALA A 150 6.40 14.38 2.53
N ASP A 151 5.36 13.93 1.83
CA ASP A 151 4.04 13.87 2.42
C ASP A 151 3.47 12.47 2.33
N ARG A 152 4.34 11.48 2.47
CA ARG A 152 4.01 10.06 2.47
C ARG A 152 4.59 9.35 3.69
N THR A 153 4.64 10.03 4.85
CA THR A 153 5.38 9.50 5.99
C THR A 153 4.78 8.17 6.45
N GLY A 154 3.46 8.06 6.42
CA GLY A 154 2.83 6.84 6.92
C GLY A 154 3.11 5.67 6.01
N HIS A 155 3.08 5.91 4.70
CA HIS A 155 3.45 4.89 3.73
C HIS A 155 4.84 4.32 4.02
N SER A 156 5.84 5.20 4.20
CA SER A 156 7.20 4.75 4.49
C SER A 156 7.33 4.17 5.89
N LEU A 157 6.71 4.84 6.88
CA LEU A 157 6.64 4.28 8.23
C LEU A 157 6.15 2.83 8.20
N LEU A 158 5.02 2.57 7.53
CA LEU A 158 4.47 1.22 7.52
C LEU A 158 5.33 0.25 6.72
N HIS A 159 5.81 0.68 5.54
CA HIS A 159 6.62 -0.23 4.73
C HIS A 159 7.95 -0.56 5.40
N THR A 160 8.52 0.39 6.13
CA THR A 160 9.73 0.11 6.89
C THR A 160 9.45 -0.82 8.08
N LEU A 161 8.40 -0.55 8.84
CA LEU A 161 8.08 -1.45 9.94
C LEU A 161 7.73 -2.84 9.42
N TYR A 162 7.05 -2.92 8.28
CA TYR A 162 6.76 -4.24 7.76
C TYR A 162 8.03 -4.96 7.31
N GLY A 163 8.93 -4.24 6.63
CA GLY A 163 10.17 -4.88 6.19
C GLY A 163 11.02 -5.33 7.36
N ARG A 164 11.10 -4.48 8.39
CA ARG A 164 11.85 -4.84 9.60
C ARG A 164 11.27 -6.06 10.27
N SER A 165 9.94 -6.23 10.22
CA SER A 165 9.30 -7.35 10.90
C SER A 165 9.65 -8.68 10.25
N LEU A 166 10.17 -8.66 9.03
CA LEU A 166 10.50 -9.91 8.36
C LEU A 166 11.76 -10.56 8.92
N ARG A 167 12.53 -9.84 9.75
CA ARG A 167 13.75 -10.41 10.34
C ARG A 167 13.49 -11.25 11.58
N TYR A 168 12.24 -11.37 12.01
CA TYR A 168 11.93 -11.97 13.31
C TYR A 168 11.00 -13.16 13.14
N ASP A 169 10.92 -13.99 14.18
CA ASP A 169 10.13 -15.23 14.15
C ASP A 169 8.63 -15.02 14.41
N THR A 170 8.10 -13.81 14.18
CA THR A 170 6.70 -13.53 14.43
C THR A 170 5.82 -14.32 13.47
N SER A 171 4.81 -15.01 14.01
CA SER A 171 3.91 -15.81 13.19
C SER A 171 2.72 -14.97 12.75
N TYR A 172 2.62 -14.70 11.45
CA TYR A 172 1.59 -13.83 10.91
C TYR A 172 0.36 -14.61 10.47
N PHE A 173 -0.81 -14.06 10.80
CA PHE A 173 -2.11 -14.62 10.44
C PHE A 173 -2.84 -13.53 9.68
N VAL A 174 -2.64 -13.52 8.38
CA VAL A 174 -3.03 -12.43 7.51
C VAL A 174 -4.38 -12.73 6.90
N GLU A 175 -5.24 -11.72 6.87
CA GLU A 175 -6.62 -11.89 6.45
C GLU A 175 -7.36 -12.87 7.36
N TYR A 176 -7.15 -12.70 8.67
CA TYR A 176 -7.97 -13.28 9.73
C TYR A 176 -8.70 -12.16 10.45
N PHE A 177 -9.97 -12.37 10.75
CA PHE A 177 -10.80 -11.34 11.36
C PHE A 177 -11.08 -11.72 12.81
N ALA A 178 -10.50 -10.97 13.75
CA ALA A 178 -10.78 -11.20 15.18
C ALA A 178 -12.23 -10.85 15.50
N LEU A 179 -12.93 -11.79 16.13
CA LEU A 179 -14.33 -11.64 16.50
C LEU A 179 -14.51 -11.15 17.94
N ASP A 180 -13.80 -11.74 18.89
CA ASP A 180 -13.97 -11.40 20.30
C ASP A 180 -12.71 -11.75 21.07
N LEU A 181 -12.61 -11.20 22.29
CA LEU A 181 -11.61 -11.67 23.24
C LEU A 181 -12.14 -12.89 23.98
N LEU A 182 -11.22 -13.74 24.40
CA LEU A 182 -11.52 -14.83 25.33
C LEU A 182 -11.21 -14.32 26.74
N MET A 183 -12.25 -14.06 27.52
CA MET A 183 -12.11 -13.55 28.86
C MET A 183 -12.39 -14.67 29.85
N GLU A 184 -11.71 -14.62 31.01
CA GLU A 184 -12.05 -15.51 32.11
C GLU A 184 -11.66 -14.82 33.40
N ASN A 185 -12.64 -14.59 34.28
CA ASN A 185 -12.39 -13.98 35.59
C ASN A 185 -11.66 -12.65 35.48
N GLY A 186 -12.06 -11.82 34.51
CA GLY A 186 -11.48 -10.52 34.28
C GLY A 186 -10.11 -10.51 33.62
N GLU A 187 -9.59 -11.66 33.19
CA GLU A 187 -8.31 -11.73 32.49
C GLU A 187 -8.54 -12.13 31.05
N CYS A 188 -7.79 -11.51 30.14
CA CYS A 188 -7.84 -11.92 28.75
C CYS A 188 -6.96 -13.14 28.55
N ARG A 189 -7.52 -14.16 27.88
CA ARG A 189 -6.82 -15.41 27.58
C ARG A 189 -6.47 -15.55 26.12
N GLY A 190 -6.85 -14.60 25.27
CA GLY A 190 -6.59 -14.64 23.85
C GLY A 190 -7.77 -14.10 23.05
N VAL A 191 -7.78 -14.42 21.75
CA VAL A 191 -8.83 -13.97 20.85
C VAL A 191 -9.30 -15.13 19.99
N ILE A 192 -10.49 -14.94 19.41
CA ILE A 192 -11.06 -15.89 18.47
C ILE A 192 -11.28 -15.14 17.16
N ALA A 193 -11.03 -15.83 16.05
CA ALA A 193 -11.02 -15.16 14.77
C ALA A 193 -11.52 -16.10 13.68
N LEU A 194 -11.87 -15.49 12.56
CA LEU A 194 -12.26 -16.20 11.36
C LEU A 194 -11.16 -16.05 10.31
N CYS A 195 -10.67 -17.18 9.80
CA CYS A 195 -9.73 -17.18 8.67
C CYS A 195 -10.50 -16.95 7.38
N ILE A 196 -10.37 -15.74 6.83
CA ILE A 196 -11.16 -15.34 5.67
C ILE A 196 -10.84 -16.20 4.47
N GLU A 197 -9.55 -16.52 4.29
CA GLU A 197 -9.11 -17.28 3.11
C GLU A 197 -9.78 -18.64 2.99
N ASP A 198 -10.07 -19.30 4.12
CA ASP A 198 -10.65 -20.64 4.05
C ASP A 198 -11.88 -20.84 4.94
N GLY A 199 -12.38 -19.79 5.59
CA GLY A 199 -13.64 -19.88 6.29
C GLY A 199 -13.64 -20.66 7.58
N THR A 200 -12.51 -20.81 8.25
CA THR A 200 -12.45 -21.58 9.48
C THR A 200 -12.19 -20.66 10.68
N ILE A 201 -12.51 -21.20 11.87
CA ILE A 201 -12.46 -20.45 13.12
C ILE A 201 -11.18 -20.80 13.88
N HIS A 202 -10.54 -19.79 14.46
CA HIS A 202 -9.26 -19.97 15.13
C HIS A 202 -9.27 -19.29 16.50
N ARG A 203 -9.01 -20.06 17.55
CA ARG A 203 -8.81 -19.54 18.88
C ARG A 203 -7.32 -19.42 19.13
N PHE A 204 -6.88 -18.22 19.52
CA PHE A 204 -5.47 -17.94 19.82
C PHE A 204 -5.35 -17.78 21.33
N ARG A 205 -4.85 -18.81 22.01
CA ARG A 205 -4.59 -18.72 23.45
C ARG A 205 -3.22 -18.10 23.68
N ALA A 206 -3.13 -17.20 24.66
CA ALA A 206 -1.88 -16.49 24.89
C ALA A 206 -1.89 -15.85 26.27
N LYS A 207 -0.71 -15.72 26.86
CA LYS A 207 -0.64 -15.08 28.18
C LYS A 207 -0.94 -13.59 28.09
N ASN A 208 -0.69 -12.97 26.94
CA ASN A 208 -0.92 -11.54 26.76
C ASN A 208 -1.50 -11.26 25.39
N THR A 209 -2.44 -10.31 25.34
CA THR A 209 -3.14 -9.97 24.12
C THR A 209 -3.07 -8.47 23.92
N VAL A 210 -2.68 -8.04 22.72
CA VAL A 210 -2.47 -6.62 22.42
C VAL A 210 -3.46 -6.20 21.32
N ILE A 211 -4.33 -5.25 21.64
CA ILE A 211 -5.33 -4.79 20.68
C ILE A 211 -4.82 -3.52 20.01
N ALA A 212 -4.59 -3.58 18.71
CA ALA A 212 -4.06 -2.45 17.93
C ALA A 212 -4.81 -2.34 16.61
N THR A 213 -6.12 -2.25 16.69
CA THR A 213 -6.99 -2.45 15.53
C THR A 213 -7.39 -1.15 14.82
N GLY A 214 -6.82 0.00 15.21
CA GLY A 214 -7.18 1.26 14.53
C GLY A 214 -8.45 1.91 15.06
N GLY A 215 -8.97 2.88 14.29
CA GLY A 215 -10.13 3.67 14.70
C GLY A 215 -11.44 3.20 14.05
N TYR A 216 -12.46 4.05 14.15
CA TYR A 216 -13.79 3.77 13.60
C TYR A 216 -14.38 4.98 12.88
N GLY A 217 -13.57 5.65 12.05
CA GLY A 217 -14.08 6.79 11.28
C GLY A 217 -15.30 6.47 10.42
N ARG A 218 -15.42 5.21 9.95
CA ARG A 218 -16.55 4.73 9.16
C ARG A 218 -17.91 4.69 9.91
N THR A 219 -18.07 5.17 11.15
CA THR A 219 -19.40 5.43 11.68
C THR A 219 -20.03 6.66 11.05
N TYR A 220 -19.27 7.46 10.33
CA TYR A 220 -19.75 8.71 9.76
C TYR A 220 -19.88 8.56 8.25
N PHE A 221 -20.56 9.54 7.64
CA PHE A 221 -20.83 9.44 6.21
C PHE A 221 -19.66 9.95 5.39
N SER A 222 -18.91 10.91 5.91
CA SER A 222 -17.71 11.41 5.25
C SER A 222 -16.58 11.31 6.26
N CYS A 223 -15.56 10.54 5.92
CA CYS A 223 -14.39 10.41 6.77
C CYS A 223 -13.15 10.27 5.90
N THR A 224 -11.99 10.58 6.47
CA THR A 224 -10.76 10.33 5.72
C THR A 224 -10.33 8.87 5.78
N SER A 225 -10.96 8.09 6.65
CA SER A 225 -10.49 6.76 7.00
C SER A 225 -10.78 5.74 5.91
N ALA A 226 -9.96 4.68 5.89
CA ALA A 226 -10.18 3.58 4.98
C ALA A 226 -11.54 2.96 5.23
N HIS A 227 -12.03 2.21 4.24
CA HIS A 227 -13.23 1.41 4.46
C HIS A 227 -13.04 0.43 5.60
N THR A 228 -11.81 0.03 5.89
CA THR A 228 -11.50 -0.98 6.89
C THR A 228 -11.36 -0.41 8.31
N SER A 229 -11.63 0.89 8.53
CA SER A 229 -11.54 1.49 9.87
C SER A 229 -12.89 1.35 10.55
N THR A 230 -13.12 0.19 11.15
CA THR A 230 -14.45 -0.19 11.60
C THR A 230 -14.55 -0.46 13.10
N GLY A 231 -13.55 -0.02 13.88
CA GLY A 231 -13.63 -0.10 15.33
C GLY A 231 -13.64 -1.50 15.88
N ASP A 232 -12.95 -2.42 15.21
CA ASP A 232 -13.17 -3.84 15.46
C ASP A 232 -12.68 -4.25 16.84
N GLY A 233 -11.53 -3.73 17.27
CA GLY A 233 -10.98 -4.09 18.57
C GLY A 233 -11.72 -3.41 19.70
N THR A 234 -12.10 -2.16 19.43
CA THR A 234 -12.95 -1.38 20.31
C THR A 234 -14.21 -2.16 20.66
N ALA A 235 -14.90 -2.66 19.62
CA ALA A 235 -16.12 -3.43 19.80
C ALA A 235 -15.89 -4.70 20.60
N MET A 236 -14.81 -5.44 20.31
CA MET A 236 -14.51 -6.64 21.08
C MET A 236 -14.38 -6.33 22.56
N VAL A 237 -13.72 -5.20 22.88
CA VAL A 237 -13.60 -4.74 24.26
C VAL A 237 -14.98 -4.46 24.86
N THR A 238 -15.85 -3.80 24.11
CA THR A 238 -17.21 -3.56 24.57
C THR A 238 -17.96 -4.86 24.79
N ARG A 239 -17.81 -5.83 23.88
CA ARG A 239 -18.48 -7.11 24.06
C ARG A 239 -17.94 -7.89 25.25
N ALA A 240 -16.72 -7.60 25.68
CA ALA A 240 -16.14 -8.21 26.86
C ALA A 240 -16.67 -7.62 28.16
N GLY A 241 -17.62 -6.69 28.09
CA GLY A 241 -18.07 -5.97 29.27
C GLY A 241 -17.08 -4.96 29.81
N LEU A 242 -16.02 -4.63 29.06
CA LEU A 242 -15.05 -3.64 29.52
C LEU A 242 -15.45 -2.25 29.05
N PRO A 243 -14.93 -1.21 29.68
CA PRO A 243 -15.26 0.15 29.27
C PRO A 243 -14.38 0.62 28.14
N CYS A 244 -14.93 1.53 27.33
CA CYS A 244 -14.14 2.34 26.42
C CYS A 244 -14.11 3.75 26.99
N GLN A 245 -13.23 4.58 26.45
CA GLN A 245 -13.01 5.87 27.07
C GLN A 245 -13.11 6.97 26.03
N ASP A 246 -13.81 8.05 26.39
CA ASP A 246 -13.77 9.31 25.63
C ASP A 246 -14.22 9.13 24.18
N LEU A 247 -15.19 8.25 23.91
CA LEU A 247 -15.52 7.97 22.52
C LEU A 247 -16.30 9.09 21.83
N GLU A 248 -16.86 10.03 22.60
CA GLU A 248 -17.47 11.23 22.04
C GLU A 248 -16.46 12.17 21.40
N PHE A 249 -15.15 12.01 21.66
CA PHE A 249 -14.12 12.93 21.18
C PHE A 249 -13.60 12.48 19.81
N VAL A 250 -14.25 12.97 18.75
CA VAL A 250 -13.90 12.63 17.37
C VAL A 250 -13.24 13.85 16.75
N GLN A 251 -12.10 13.64 16.09
CA GLN A 251 -11.34 14.74 15.49
C GLN A 251 -11.76 14.96 14.04
N PHE A 252 -12.17 16.19 13.74
CA PHE A 252 -12.38 16.60 12.36
C PHE A 252 -11.10 17.25 11.86
N HIS A 253 -10.45 16.61 10.91
CA HIS A 253 -9.31 17.24 10.26
C HIS A 253 -9.81 18.41 9.44
N PRO A 254 -9.11 19.55 9.49
CA PRO A 254 -9.59 20.72 8.74
C PRO A 254 -9.74 20.49 7.26
N THR A 255 -8.93 19.61 6.65
CA THR A 255 -8.80 19.56 5.19
C THR A 255 -8.89 18.13 4.64
N GLY A 256 -10.10 17.56 4.66
CA GLY A 256 -10.44 16.52 3.69
C GLY A 256 -10.90 17.14 2.39
N ILE A 257 -10.51 16.54 1.27
CA ILE A 257 -10.89 17.07 -0.04
C ILE A 257 -12.40 16.94 -0.23
N TYR A 258 -13.02 17.98 -0.80
CA TYR A 258 -14.45 17.95 -1.05
C TYR A 258 -14.78 16.85 -2.05
N GLY A 259 -15.82 16.07 -1.74
CA GLY A 259 -16.14 14.92 -2.58
C GLY A 259 -15.81 13.59 -1.94
N ALA A 260 -14.69 12.99 -2.33
CA ALA A 260 -14.30 11.67 -1.84
C ALA A 260 -13.86 11.66 -0.38
N GLY A 261 -13.61 12.81 0.23
CA GLY A 261 -13.20 12.89 1.62
C GLY A 261 -11.73 12.62 1.89
N CYS A 262 -10.94 12.36 0.85
CA CYS A 262 -9.51 12.08 0.98
C CYS A 262 -8.79 13.18 1.74
N LEU A 263 -7.81 12.77 2.56
CA LEU A 263 -7.06 13.72 3.37
C LEU A 263 -6.09 14.52 2.52
N ILE A 264 -6.04 15.83 2.79
CA ILE A 264 -4.99 16.71 2.29
C ILE A 264 -4.22 17.21 3.50
N THR A 265 -2.94 16.89 3.56
CA THR A 265 -2.19 16.99 4.80
C THR A 265 -2.14 18.41 5.34
N GLU A 266 -2.10 18.50 6.67
CA GLU A 266 -1.77 19.74 7.38
C GLU A 266 -0.35 20.22 7.04
N GLY A 267 0.50 19.37 6.47
CA GLY A 267 1.78 19.82 5.95
C GLY A 267 1.66 20.93 4.91
N CYS A 268 0.53 20.98 4.19
CA CYS A 268 0.31 22.06 3.23
C CYS A 268 0.31 23.41 3.93
N ARG A 269 -0.41 23.51 5.05
CA ARG A 269 -0.38 24.72 5.88
C ARG A 269 0.94 24.87 6.62
N GLY A 270 1.58 23.75 7.00
CA GLY A 270 2.91 23.83 7.60
C GLY A 270 4.01 24.30 6.66
N GLU A 271 3.84 24.08 5.36
CA GLU A 271 4.79 24.57 4.37
C GLU A 271 4.47 25.98 3.87
N GLY A 272 3.36 26.57 4.30
CA GLY A 272 2.99 27.89 3.82
C GLY A 272 1.59 28.07 3.27
N GLY A 273 0.91 26.98 2.92
CA GLY A 273 -0.43 27.09 2.38
C GLY A 273 -1.39 27.74 3.36
N ILE A 274 -2.46 28.33 2.81
CA ILE A 274 -3.42 29.09 3.61
C ILE A 274 -4.85 28.75 3.19
N LEU A 275 -5.76 28.84 4.16
CA LEU A 275 -7.18 28.63 3.93
C LEU A 275 -7.85 29.96 3.59
N ILE A 276 -8.64 30.00 2.53
CA ILE A 276 -9.35 31.22 2.14
C ILE A 276 -10.82 30.90 1.91
N ASN A 277 -11.68 31.89 2.17
CA ASN A 277 -13.11 31.74 1.99
C ASN A 277 -13.53 32.25 0.61
N SER A 278 -14.85 32.45 0.43
CA SER A 278 -15.37 32.88 -0.85
C SER A 278 -14.90 34.29 -1.21
N GLN A 279 -14.70 35.14 -0.20
CA GLN A 279 -14.28 36.51 -0.42
C GLN A 279 -12.76 36.69 -0.35
N GLY A 280 -12.00 35.61 -0.59
CA GLY A 280 -10.55 35.65 -0.56
C GLY A 280 -9.92 36.02 0.77
N GLU A 281 -10.67 35.99 1.87
CA GLU A 281 -10.09 36.29 3.17
C GLU A 281 -9.32 35.08 3.69
N ARG A 282 -8.15 35.33 4.28
CA ARG A 282 -7.44 34.32 5.05
C ARG A 282 -8.06 34.34 6.45
N PHE A 283 -9.18 33.62 6.58
CA PHE A 283 -10.06 33.81 7.72
C PHE A 283 -9.43 33.39 9.04
N MET A 284 -8.43 32.50 9.01
CA MET A 284 -7.79 32.07 10.25
C MET A 284 -7.07 33.21 10.95
N GLU A 285 -6.65 34.25 10.23
CA GLU A 285 -6.08 35.43 10.91
C GLU A 285 -7.08 36.11 11.83
N ARG A 286 -8.37 35.94 11.58
CA ARG A 286 -9.38 36.51 12.46
C ARG A 286 -9.72 35.58 13.62
N TYR A 287 -9.81 34.26 13.36
CA TYR A 287 -10.16 33.31 14.42
C TYR A 287 -9.01 33.06 15.38
N ALA A 288 -7.79 32.90 14.87
CA ALA A 288 -6.61 32.61 15.69
C ALA A 288 -5.48 33.49 15.20
N PRO A 289 -5.37 34.71 15.75
CA PRO A 289 -4.44 35.69 15.16
C PRO A 289 -2.97 35.29 15.23
N VAL A 290 -2.58 34.49 16.22
CA VAL A 290 -1.19 34.06 16.32
C VAL A 290 -0.93 32.84 15.43
N ALA A 291 -1.60 31.72 15.73
CA ALA A 291 -1.34 30.47 15.00
C ALA A 291 -1.86 30.50 13.56
N LYS A 292 -2.97 31.19 13.32
CA LYS A 292 -3.57 31.34 11.97
C LYS A 292 -3.99 29.96 11.45
N ASP A 293 -3.53 29.54 10.28
CA ASP A 293 -3.89 28.25 9.70
C ASP A 293 -3.18 27.08 10.37
N LEU A 294 -2.33 27.33 11.36
CA LEU A 294 -1.69 26.30 12.17
C LEU A 294 -2.20 26.29 13.60
N ALA A 295 -3.41 26.77 13.84
CA ALA A 295 -4.05 26.55 15.12
C ALA A 295 -4.38 25.06 15.28
N SER A 296 -4.91 24.69 16.44
CA SER A 296 -5.27 23.31 16.68
C SER A 296 -6.45 22.91 15.80
N ARG A 297 -6.54 21.61 15.51
CA ARG A 297 -7.52 21.12 14.54
C ARG A 297 -8.96 21.37 14.95
N ASP A 298 -9.28 21.23 16.25
CA ASP A 298 -10.64 21.50 16.68
C ASP A 298 -11.02 22.95 16.43
N VAL A 299 -10.05 23.86 16.55
CA VAL A 299 -10.29 25.29 16.37
C VAL A 299 -10.32 25.66 14.89
N VAL A 300 -9.47 25.03 14.06
CA VAL A 300 -9.52 25.30 12.62
C VAL A 300 -10.82 24.76 12.03
N SER A 301 -11.15 23.50 12.35
CA SER A 301 -12.38 22.89 11.85
C SER A 301 -13.63 23.65 12.29
N ARG A 302 -13.68 24.10 13.55
CA ARG A 302 -14.81 24.93 13.98
C ARG A 302 -14.84 26.24 13.19
N SER A 303 -13.66 26.83 12.93
CA SER A 303 -13.58 28.08 12.18
C SER A 303 -14.12 27.92 10.76
N MET A 304 -13.64 26.89 10.04
CA MET A 304 -14.13 26.63 8.70
C MET A 304 -15.64 26.38 8.70
N THR A 305 -16.11 25.57 9.66
CA THR A 305 -17.53 25.28 9.76
C THR A 305 -18.35 26.55 9.97
N ILE A 306 -17.81 27.51 10.72
CA ILE A 306 -18.52 28.78 10.93
C ILE A 306 -18.61 29.58 9.63
N GLU A 307 -17.51 29.61 8.86
CA GLU A 307 -17.49 30.36 7.61
C GLU A 307 -18.53 29.84 6.61
N ILE A 308 -18.74 28.52 6.57
CA ILE A 308 -19.68 27.94 5.62
C ILE A 308 -21.12 28.24 6.04
N ARG A 309 -21.43 28.06 7.33
CA ARG A 309 -22.80 28.28 7.78
C ARG A 309 -23.15 29.76 7.83
N GLU A 310 -22.14 30.64 7.82
CA GLU A 310 -22.34 32.08 7.73
C GLU A 310 -22.20 32.60 6.30
N GLY A 311 -22.40 31.73 5.30
CA GLY A 311 -22.55 32.15 3.91
C GLY A 311 -21.28 32.36 3.10
N ARG A 312 -20.11 32.04 3.65
CA ARG A 312 -18.85 32.23 2.91
C ARG A 312 -18.28 30.94 2.37
N GLY A 313 -19.13 29.93 2.13
CA GLY A 313 -18.65 28.72 1.50
C GLY A 313 -18.29 28.93 0.05
N CYS A 314 -17.31 28.17 -0.42
CA CYS A 314 -16.85 28.21 -1.80
C CYS A 314 -17.50 27.09 -2.60
N GLY A 315 -17.23 27.11 -3.91
CA GLY A 315 -17.84 26.17 -4.83
C GLY A 315 -19.25 26.61 -5.16
N PRO A 316 -19.90 25.91 -6.10
CA PRO A 316 -21.25 26.33 -6.52
C PRO A 316 -22.29 26.21 -5.42
N GLU A 317 -22.04 25.40 -4.40
CA GLU A 317 -23.01 25.15 -3.35
C GLU A 317 -22.72 25.89 -2.06
N LYS A 318 -21.60 26.62 -2.00
CA LYS A 318 -21.24 27.38 -0.79
C LYS A 318 -21.05 26.45 0.41
N ASP A 319 -20.43 25.29 0.17
CA ASP A 319 -20.35 24.24 1.19
C ASP A 319 -18.94 23.75 1.49
N HIS A 320 -17.90 24.43 0.98
CA HIS A 320 -16.52 24.15 1.36
C HIS A 320 -15.73 25.46 1.38
N VAL A 321 -14.43 25.36 1.63
CA VAL A 321 -13.52 26.50 1.52
C VAL A 321 -12.27 26.04 0.74
N TYR A 322 -11.34 26.97 0.52
CA TYR A 322 -10.18 26.70 -0.33
C TYR A 322 -8.91 26.58 0.49
N LEU A 323 -8.09 25.60 0.15
CA LEU A 323 -6.70 25.53 0.62
C LEU A 323 -5.82 26.03 -0.53
N GLN A 324 -5.13 27.15 -0.30
CA GLN A 324 -4.31 27.77 -1.34
C GLN A 324 -2.85 27.35 -1.18
N LEU A 325 -2.27 26.82 -2.25
CA LEU A 325 -0.87 26.44 -2.29
C LEU A 325 -0.09 27.09 -3.44
N HIS A 326 -0.75 27.80 -4.36
CA HIS A 326 -0.12 28.16 -5.64
C HIS A 326 0.83 29.35 -5.53
N HIS A 327 0.73 30.15 -4.48
CA HIS A 327 1.70 31.20 -4.19
C HIS A 327 3.04 30.64 -3.73
N LEU A 328 3.12 29.32 -3.42
CA LEU A 328 4.34 28.66 -2.99
C LEU A 328 5.12 28.20 -4.21
N PRO A 329 6.45 28.26 -4.13
CA PRO A 329 7.31 27.85 -5.26
C PRO A 329 6.99 26.45 -5.73
N PRO A 330 6.84 26.24 -7.05
CA PRO A 330 6.49 24.90 -7.54
C PRO A 330 7.47 23.82 -7.14
N GLN A 331 8.76 24.15 -7.00
CA GLN A 331 9.72 23.13 -6.56
C GLN A 331 9.49 22.73 -5.12
N GLN A 332 8.96 23.63 -4.29
CA GLN A 332 8.64 23.27 -2.90
C GLN A 332 7.48 22.30 -2.86
N LEU A 333 6.46 22.52 -3.70
CA LEU A 333 5.34 21.59 -3.78
C LEU A 333 5.82 20.22 -4.23
N ALA A 334 6.67 20.18 -5.27
CA ALA A 334 7.16 18.89 -5.78
C ALA A 334 8.00 18.16 -4.73
N THR A 335 8.77 18.88 -3.92
CA THR A 335 9.64 18.22 -2.95
C THR A 335 8.95 17.91 -1.62
N ARG A 336 8.09 18.82 -1.15
CA ARG A 336 7.46 18.69 0.16
C ARG A 336 6.07 18.11 0.12
N LEU A 337 5.29 18.36 -0.95
CA LEU A 337 3.91 17.86 -1.04
C LEU A 337 3.61 17.14 -2.37
N PRO A 338 4.43 16.15 -2.78
CA PRO A 338 4.10 15.44 -4.03
C PRO A 338 2.86 14.57 -3.95
N GLY A 339 2.53 14.04 -2.77
CA GLY A 339 1.42 13.12 -2.68
C GLY A 339 0.08 13.79 -2.90
N ILE A 340 -0.13 14.93 -2.23
CA ILE A 340 -1.38 15.68 -2.36
C ILE A 340 -1.46 16.42 -3.68
N SER A 341 -0.33 16.59 -4.37
CA SER A 341 -0.36 17.18 -5.71
C SER A 341 -1.01 16.23 -6.70
N GLU A 342 -0.66 14.94 -6.60
CA GLU A 342 -1.33 13.94 -7.44
C GLU A 342 -2.80 13.81 -7.03
N THR A 343 -3.06 13.71 -5.72
CA THR A 343 -4.40 13.43 -5.23
C THR A 343 -5.37 14.57 -5.54
N ALA A 344 -4.89 15.81 -5.47
CA ALA A 344 -5.73 16.93 -5.85
C ALA A 344 -6.12 16.86 -7.34
N MET A 345 -5.21 16.36 -8.19
CA MET A 345 -5.53 16.20 -9.61
C MET A 345 -6.52 15.06 -9.83
N ILE A 346 -6.26 13.88 -9.26
CA ILE A 346 -7.13 12.72 -9.45
C ILE A 346 -8.53 12.98 -8.91
N PHE A 347 -8.62 13.47 -7.67
CA PHE A 347 -9.90 13.53 -6.98
C PHE A 347 -10.56 14.90 -7.03
N ALA A 348 -9.85 15.92 -7.51
CA ALA A 348 -10.45 17.23 -7.72
C ALA A 348 -10.16 17.83 -9.09
N GLY A 349 -9.26 17.26 -9.87
CA GLY A 349 -8.84 17.90 -11.12
C GLY A 349 -8.19 19.24 -10.89
N VAL A 350 -7.54 19.42 -9.73
CA VAL A 350 -6.88 20.67 -9.38
C VAL A 350 -5.39 20.54 -9.62
N ASP A 351 -4.82 21.52 -10.33
CA ASP A 351 -3.38 21.73 -10.36
C ASP A 351 -3.03 22.64 -9.18
N VAL A 352 -2.30 22.10 -8.19
CA VAL A 352 -1.99 22.87 -6.98
C VAL A 352 -1.11 24.10 -7.27
N THR A 353 -0.38 24.12 -8.39
CA THR A 353 0.40 25.30 -8.74
C THR A 353 -0.43 26.42 -9.32
N LYS A 354 -1.67 26.15 -9.74
CA LYS A 354 -2.52 27.17 -10.34
C LYS A 354 -3.77 27.47 -9.53
N GLU A 355 -4.40 26.46 -8.93
CA GLU A 355 -5.69 26.67 -8.30
C GLU A 355 -5.73 26.00 -6.94
N PRO A 356 -6.57 26.49 -6.04
CA PRO A 356 -6.64 25.93 -4.68
C PRO A 356 -7.42 24.62 -4.63
N ILE A 357 -7.20 23.89 -3.54
CA ILE A 357 -7.85 22.61 -3.29
C ILE A 357 -9.15 22.85 -2.51
N PRO A 358 -10.29 22.36 -2.98
CA PRO A 358 -11.52 22.47 -2.19
C PRO A 358 -11.47 21.48 -1.03
N VAL A 359 -11.71 22.00 0.17
CA VAL A 359 -11.48 21.26 1.41
C VAL A 359 -12.58 21.61 2.40
N LEU A 360 -12.92 20.66 3.27
CA LEU A 360 -13.81 20.95 4.39
C LEU A 360 -13.44 20.01 5.54
N PRO A 361 -13.83 20.35 6.77
CA PRO A 361 -13.57 19.45 7.90
C PRO A 361 -14.21 18.09 7.70
N THR A 362 -13.45 17.04 7.97
CA THR A 362 -13.86 15.66 7.71
C THR A 362 -13.39 14.77 8.84
N VAL A 363 -14.30 13.91 9.33
CA VAL A 363 -13.98 12.93 10.36
C VAL A 363 -12.71 12.18 9.97
N HIS A 364 -11.75 12.17 10.90
CA HIS A 364 -10.39 11.77 10.61
C HIS A 364 -9.78 10.82 11.64
N TYR A 365 -10.02 11.07 12.93
CA TYR A 365 -9.26 10.41 13.99
C TYR A 365 -10.14 10.30 15.25
N ASN A 366 -10.03 9.16 15.93
CA ASN A 366 -10.75 8.93 17.17
C ASN A 366 -9.82 9.14 18.35
N MET A 367 -10.11 10.16 19.18
CA MET A 367 -9.24 10.42 20.33
C MET A 367 -9.43 9.39 21.41
N GLY A 368 -10.67 8.91 21.61
CA GLY A 368 -10.96 7.90 22.60
C GLY A 368 -10.70 6.50 22.09
N GLY A 369 -10.84 5.54 22.98
CA GLY A 369 -10.57 4.17 22.63
C GLY A 369 -10.67 3.28 23.85
N ILE A 370 -9.96 2.15 23.78
CA ILE A 370 -9.76 1.26 24.91
C ILE A 370 -8.86 1.99 25.91
N PRO A 371 -9.34 2.33 27.11
CA PRO A 371 -8.47 3.06 28.05
C PRO A 371 -7.32 2.19 28.51
N THR A 372 -6.13 2.78 28.55
CA THR A 372 -4.96 2.10 29.08
C THR A 372 -4.24 3.05 30.03
N ASN A 373 -3.21 2.52 30.70
CA ASN A 373 -2.24 3.30 31.44
C ASN A 373 -1.09 3.65 30.49
N TYR A 374 -0.07 4.35 31.00
CA TYR A 374 1.03 4.78 30.16
C TYR A 374 1.88 3.62 29.67
N LYS A 375 1.71 2.44 30.25
CA LYS A 375 2.44 1.25 29.86
C LYS A 375 1.70 0.42 28.82
N GLY A 376 0.56 0.89 28.33
CA GLY A 376 -0.21 0.15 27.35
C GLY A 376 -1.18 -0.88 27.91
N GLN A 377 -1.21 -1.06 29.24
CA GLN A 377 -2.09 -2.05 29.85
C GLN A 377 -3.53 -1.55 29.87
N VAL A 378 -4.47 -2.37 29.40
CA VAL A 378 -5.86 -1.95 29.45
C VAL A 378 -6.31 -1.86 30.90
N ILE A 379 -7.12 -0.85 31.20
CA ILE A 379 -7.62 -0.65 32.55
C ILE A 379 -9.15 -0.69 32.55
N THR A 380 -9.69 -1.13 33.67
CA THR A 380 -11.07 -0.85 34.05
C THR A 380 -11.05 0.04 35.28
N HIS A 381 -12.23 0.51 35.68
CA HIS A 381 -12.34 1.48 36.76
C HIS A 381 -13.50 1.07 37.66
N VAL A 382 -13.19 0.78 38.92
CA VAL A 382 -14.13 0.14 39.85
C VAL A 382 -13.99 0.81 41.21
N ASN A 383 -15.05 1.48 41.66
CA ASN A 383 -15.05 2.11 42.99
C ASN A 383 -13.94 3.17 43.11
N GLY A 384 -13.82 4.02 42.09
CA GLY A 384 -12.87 5.11 42.12
C GLY A 384 -11.42 4.74 41.91
N GLU A 385 -11.13 3.52 41.48
CA GLU A 385 -9.76 3.04 41.39
C GLU A 385 -9.51 2.41 40.02
N ASP A 386 -8.40 2.79 39.37
CA ASP A 386 -8.02 2.14 38.12
C ASP A 386 -7.44 0.76 38.42
N LYS A 387 -7.80 -0.22 37.59
CA LYS A 387 -7.34 -1.58 37.79
C LYS A 387 -6.91 -2.16 36.46
N VAL A 388 -5.67 -2.62 36.38
CA VAL A 388 -5.19 -3.20 35.14
C VAL A 388 -5.98 -4.47 34.83
N VAL A 389 -6.34 -4.64 33.58
CA VAL A 389 -6.97 -5.88 33.11
C VAL A 389 -5.84 -6.85 32.76
N PRO A 390 -5.61 -7.89 33.54
CA PRO A 390 -4.46 -8.78 33.30
C PRO A 390 -4.53 -9.46 31.93
N GLY A 391 -3.41 -9.40 31.21
CA GLY A 391 -3.29 -10.07 29.93
C GLY A 391 -3.69 -9.25 28.72
N LEU A 392 -4.00 -7.98 28.88
CA LEU A 392 -4.68 -7.20 27.85
C LEU A 392 -4.03 -5.84 27.72
N TYR A 393 -3.63 -5.51 26.50
CA TYR A 393 -2.89 -4.31 26.17
C TYR A 393 -3.57 -3.67 24.97
N ALA A 394 -3.40 -2.37 24.81
CA ALA A 394 -3.92 -1.73 23.61
C ALA A 394 -2.99 -0.59 23.26
N CYS A 395 -2.83 -0.33 21.97
CA CYS A 395 -1.97 0.76 21.56
C CYS A 395 -2.38 1.24 20.17
N GLY A 396 -2.08 2.51 19.90
CA GLY A 396 -2.43 3.12 18.65
C GLY A 396 -3.75 3.84 18.71
N GLU A 397 -4.34 4.07 17.54
CA GLU A 397 -5.60 4.79 17.55
C GLU A 397 -6.72 4.03 18.28
N ALA A 398 -6.61 2.71 18.42
CA ALA A 398 -7.64 2.00 19.19
C ALA A 398 -7.52 2.18 20.70
N ALA A 399 -6.41 2.71 21.21
CA ALA A 399 -6.19 2.89 22.64
C ALA A 399 -6.56 4.30 23.07
N SER A 400 -6.88 4.46 24.36
CA SER A 400 -6.92 5.79 24.99
C SER A 400 -5.98 5.79 26.20
N ALA A 401 -4.75 6.26 25.97
CA ALA A 401 -3.66 6.19 26.94
C ALA A 401 -3.80 7.13 28.17
N SER A 402 -4.36 8.34 28.07
CA SER A 402 -4.76 9.08 26.86
C SER A 402 -3.78 10.20 26.56
N VAL A 403 -3.04 10.06 25.46
CA VAL A 403 -2.08 11.11 25.11
C VAL A 403 -2.73 12.28 24.38
N HIS A 404 -3.96 12.11 23.87
CA HIS A 404 -4.59 13.13 23.03
C HIS A 404 -5.77 13.83 23.68
N GLY A 405 -6.35 13.27 24.74
CA GLY A 405 -7.41 13.95 25.49
C GLY A 405 -8.61 14.27 24.60
N ALA A 406 -8.93 15.57 24.52
CA ALA A 406 -10.04 16.07 23.71
C ALA A 406 -9.64 16.52 22.32
N ASN A 407 -8.35 16.54 21.98
CA ASN A 407 -7.91 16.98 20.65
C ASN A 407 -6.47 16.52 20.42
N ARG A 408 -6.25 15.81 19.31
CA ARG A 408 -4.91 15.32 18.97
C ARG A 408 -4.15 16.33 18.09
N LEU A 409 -2.89 16.59 18.43
CA LEU A 409 -2.03 17.40 17.57
C LEU A 409 -1.62 16.56 16.37
N GLY A 410 -1.61 17.19 15.20
CA GLY A 410 -1.07 16.51 14.03
C GLY A 410 0.35 16.03 14.26
N ALA A 411 0.68 14.89 13.65
CA ALA A 411 1.94 14.17 13.75
C ALA A 411 2.19 13.49 15.10
N ASN A 412 1.23 13.54 16.03
CA ASN A 412 1.36 12.80 17.28
C ASN A 412 0.80 11.37 17.23
N SER A 413 -0.07 11.04 16.28
CA SER A 413 -0.56 9.67 16.25
C SER A 413 0.51 8.68 15.80
N LEU A 414 1.25 9.00 14.74
CA LEU A 414 2.26 8.07 14.25
C LEU A 414 3.32 7.83 15.30
N LEU A 415 3.59 8.86 16.12
CA LEU A 415 4.49 8.75 17.26
C LEU A 415 3.91 7.84 18.33
N ASP A 416 2.64 8.07 18.66
CA ASP A 416 1.91 7.20 19.59
C ASP A 416 2.03 5.73 19.17
N LEU A 417 1.80 5.43 17.88
CA LEU A 417 1.89 4.06 17.38
C LEU A 417 3.23 3.41 17.73
N VAL A 418 4.33 4.06 17.38
CA VAL A 418 5.63 3.43 17.60
C VAL A 418 6.03 3.50 19.07
N VAL A 419 5.65 4.58 19.76
CA VAL A 419 5.99 4.68 21.18
C VAL A 419 5.23 3.66 22.01
N PHE A 420 3.91 3.56 21.79
CA PHE A 420 3.13 2.68 22.64
C PHE A 420 3.07 1.23 22.15
N GLY A 421 3.26 1.02 20.84
CA GLY A 421 3.50 -0.34 20.36
C GLY A 421 4.70 -0.98 21.04
N ARG A 422 5.81 -0.24 21.11
CA ARG A 422 6.99 -0.72 21.85
C ARG A 422 6.75 -0.81 23.34
N ALA A 423 6.03 0.16 23.92
CA ALA A 423 5.71 0.14 25.33
C ALA A 423 5.04 -1.16 25.73
N CYS A 424 4.05 -1.59 24.95
CA CYS A 424 3.34 -2.84 25.23
C CYS A 424 4.32 -4.01 25.26
N ALA A 425 5.26 -4.02 24.32
CA ALA A 425 6.26 -5.08 24.29
C ALA A 425 7.19 -5.01 25.49
N LEU A 426 7.70 -3.80 25.79
CA LEU A 426 8.61 -3.63 26.93
C LEU A 426 7.95 -4.04 28.25
N THR A 427 6.66 -3.76 28.40
CA THR A 427 5.99 -4.05 29.66
C THR A 427 5.73 -5.54 29.84
N ILE A 428 5.35 -6.23 28.75
CA ILE A 428 5.23 -7.67 28.82
C ILE A 428 6.57 -8.30 29.19
N ALA A 429 7.66 -7.80 28.60
CA ALA A 429 8.97 -8.37 28.84
C ALA A 429 9.45 -8.13 30.27
N GLU A 430 9.12 -6.98 30.86
CA GLU A 430 9.49 -6.75 32.24
C GLU A 430 8.54 -7.41 33.23
N THR A 431 7.41 -7.92 32.76
CA THR A 431 6.38 -8.50 33.62
C THR A 431 6.23 -10.00 33.50
N CYS A 432 6.45 -10.55 32.31
CA CYS A 432 6.26 -11.96 32.05
C CYS A 432 7.54 -12.52 31.47
N LYS A 433 7.63 -13.85 31.43
CA LYS A 433 8.73 -14.50 30.73
C LYS A 433 8.19 -15.29 29.55
N PRO A 434 8.99 -15.48 28.51
CA PRO A 434 8.58 -16.38 27.43
C PRO A 434 8.38 -17.80 27.96
N GLY A 435 7.46 -18.52 27.32
CA GLY A 435 7.27 -19.92 27.61
C GLY A 435 6.48 -20.24 28.85
N GLU A 436 6.01 -19.23 29.59
CA GLU A 436 5.14 -19.49 30.72
C GLU A 436 3.90 -20.22 30.23
N PRO A 437 3.34 -21.11 31.05
CA PRO A 437 2.20 -21.93 30.61
C PRO A 437 1.02 -21.05 30.22
N VAL A 438 0.67 -21.11 28.93
CA VAL A 438 -0.48 -20.37 28.43
C VAL A 438 -1.71 -20.82 29.19
N PRO A 439 -2.57 -19.89 29.63
CA PRO A 439 -3.70 -20.30 30.47
C PRO A 439 -4.74 -21.06 29.66
N SER A 440 -5.36 -22.03 30.31
CA SER A 440 -6.43 -22.79 29.69
C SER A 440 -7.70 -21.95 29.60
N ILE A 441 -8.58 -22.36 28.69
CA ILE A 441 -9.90 -21.80 28.53
C ILE A 441 -10.87 -22.97 28.65
N LYS A 442 -12.13 -22.65 28.94
CA LYS A 442 -13.15 -23.69 28.89
C LYS A 442 -13.21 -24.26 27.46
N PRO A 443 -13.59 -25.53 27.30
CA PRO A 443 -13.56 -26.14 25.95
C PRO A 443 -14.50 -25.48 24.95
N ASN A 444 -15.53 -24.76 25.41
CA ASN A 444 -16.51 -24.10 24.56
C ASN A 444 -16.26 -22.60 24.40
N ALA A 445 -15.12 -22.10 24.89
CA ALA A 445 -14.85 -20.66 24.87
C ALA A 445 -14.92 -20.13 23.44
N GLY A 446 -15.50 -18.94 23.29
CA GLY A 446 -15.71 -18.33 21.99
C GLY A 446 -16.94 -18.82 21.26
N GLU A 447 -17.71 -19.74 21.84
CA GLU A 447 -18.81 -20.38 21.12
C GLU A 447 -19.85 -19.37 20.66
N GLU A 448 -20.11 -18.34 21.49
CA GLU A 448 -21.10 -17.33 21.15
C GLU A 448 -20.67 -16.47 19.97
N SER A 449 -19.36 -16.30 19.77
CA SER A 449 -18.89 -15.55 18.61
C SER A 449 -19.27 -16.27 17.32
N VAL A 450 -19.19 -17.59 17.32
CA VAL A 450 -19.54 -18.38 16.16
C VAL A 450 -21.05 -18.36 15.92
N ALA A 451 -21.84 -18.43 17.01
CA ALA A 451 -23.29 -18.31 16.87
C ALA A 451 -23.69 -17.02 16.18
N ASN A 452 -23.07 -15.90 16.56
CA ASN A 452 -23.36 -14.63 15.90
C ASN A 452 -22.94 -14.65 14.43
N LEU A 453 -21.78 -15.22 14.13
CA LEU A 453 -21.31 -15.25 12.75
C LEU A 453 -22.28 -16.05 11.89
N ASP A 454 -22.65 -17.24 12.35
CA ASP A 454 -23.60 -18.09 11.63
C ASP A 454 -24.95 -17.39 11.47
N LYS A 455 -25.38 -16.64 12.50
CA LYS A 455 -26.62 -15.87 12.40
C LYS A 455 -26.56 -14.84 11.27
N LEU A 456 -25.48 -14.06 11.21
CA LEU A 456 -25.36 -13.05 10.17
C LEU A 456 -25.17 -13.67 8.79
N ARG A 457 -24.39 -14.75 8.71
CA ARG A 457 -24.11 -15.39 7.43
C ARG A 457 -25.38 -15.86 6.74
N PHE A 458 -26.41 -16.16 7.51
CA PHE A 458 -27.68 -16.66 7.00
C PHE A 458 -28.83 -15.69 7.22
N ALA A 459 -28.54 -14.43 7.59
CA ALA A 459 -29.58 -13.46 7.88
C ALA A 459 -30.47 -13.22 6.65
N ASP A 460 -31.78 -13.19 6.88
CA ASP A 460 -32.73 -13.15 5.76
C ASP A 460 -33.90 -12.22 6.07
N GLY A 461 -33.60 -11.09 6.72
CA GLY A 461 -34.58 -10.10 7.11
C GLY A 461 -34.91 -9.07 6.04
N THR A 462 -35.24 -7.85 6.50
CA THR A 462 -35.76 -6.79 5.64
C THR A 462 -34.76 -5.67 5.34
N ILE A 463 -33.64 -5.61 6.06
CA ILE A 463 -32.71 -4.49 5.97
C ILE A 463 -31.33 -5.05 5.65
N ARG A 464 -30.91 -4.97 4.40
CA ARG A 464 -29.55 -5.38 4.02
C ARG A 464 -28.50 -4.53 4.73
N THR A 465 -27.30 -5.11 4.85
CA THR A 465 -26.21 -4.49 5.61
C THR A 465 -25.85 -3.09 5.11
N SER A 466 -25.78 -2.91 3.78
CA SER A 466 -25.38 -1.60 3.25
C SER A 466 -26.36 -0.51 3.64
N GLU A 467 -27.63 -0.85 3.79
CA GLU A 467 -28.65 0.14 4.11
C GLU A 467 -28.63 0.51 5.58
N ALA A 468 -28.36 -0.46 6.45
CA ALA A 468 -28.26 -0.16 7.88
C ALA A 468 -27.00 0.64 8.15
N ARG A 469 -25.90 0.34 7.47
CA ARG A 469 -24.69 1.12 7.62
C ARG A 469 -24.92 2.57 7.18
N LEU A 470 -25.58 2.76 6.03
CA LEU A 470 -25.86 4.10 5.55
C LEU A 470 -26.70 4.90 6.54
N ASN A 471 -27.67 4.25 7.18
CA ASN A 471 -28.50 4.97 8.14
C ASN A 471 -27.70 5.38 9.37
N MET A 472 -26.71 4.56 9.75
CA MET A 472 -25.83 4.92 10.85
C MET A 472 -24.96 6.11 10.47
N GLN A 473 -24.38 6.09 9.26
CA GLN A 473 -23.41 7.11 8.88
C GLN A 473 -24.07 8.48 8.72
N LYS A 474 -25.25 8.53 8.09
CA LYS A 474 -25.96 9.80 7.95
C LYS A 474 -26.50 10.29 9.28
N THR A 475 -26.84 9.38 10.18
CA THR A 475 -27.26 9.78 11.51
C THR A 475 -26.12 10.42 12.29
N MET A 476 -24.97 9.75 12.34
CA MET A 476 -23.80 10.33 13.02
C MET A 476 -23.41 11.65 12.37
N GLN A 477 -23.47 11.72 11.03
CA GLN A 477 -23.01 12.89 10.30
C GLN A 477 -23.80 14.15 10.67
N SER A 478 -25.12 14.04 10.76
CA SER A 478 -25.96 15.20 11.02
C SER A 478 -26.32 15.39 12.48
N HIS A 479 -25.99 14.45 13.36
CA HIS A 479 -26.30 14.59 14.78
C HIS A 479 -25.09 14.70 15.69
N ALA A 480 -23.89 14.32 15.23
CA ALA A 480 -22.69 14.25 16.08
C ALA A 480 -21.50 14.89 15.38
N ALA A 481 -21.72 16.09 14.80
CA ALA A 481 -20.84 16.78 13.88
C ALA A 481 -19.93 17.77 14.65
N VAL A 482 -19.42 18.79 13.94
CA VAL A 482 -18.41 19.68 14.53
C VAL A 482 -18.99 20.46 15.70
N PHE A 483 -20.20 20.98 15.51
CA PHE A 483 -20.95 21.60 16.60
C PHE A 483 -22.15 20.73 16.92
N ARG A 484 -22.47 20.64 18.20
CA ARG A 484 -23.53 19.75 18.69
C ARG A 484 -24.40 20.51 19.67
N THR A 485 -25.63 20.03 19.84
CA THR A 485 -26.56 20.49 20.86
C THR A 485 -27.31 19.30 21.43
N GLY A 486 -27.95 19.54 22.57
CA GLY A 486 -28.58 18.45 23.30
C GLY A 486 -29.77 17.85 22.58
N SER A 487 -30.64 18.70 22.04
CA SER A 487 -31.83 18.20 21.33
C SER A 487 -31.44 17.36 20.13
N ILE A 488 -30.39 17.79 19.41
CA ILE A 488 -30.00 17.09 18.19
C ILE A 488 -29.24 15.81 18.53
N LEU A 489 -28.39 15.85 19.55
CA LEU A 489 -27.75 14.63 20.04
C LEU A 489 -28.77 13.61 20.53
N GLN A 490 -29.78 14.07 21.29
CA GLN A 490 -30.85 13.18 21.78
C GLN A 490 -31.58 12.49 20.64
N GLU A 491 -31.85 13.22 19.56
CA GLU A 491 -32.49 12.56 18.42
C GLU A 491 -31.53 11.58 17.76
N GLY A 492 -30.25 11.92 17.70
CA GLY A 492 -29.27 10.97 17.19
C GLY A 492 -29.18 9.74 18.06
N CYS A 493 -29.28 9.92 19.38
CA CYS A 493 -29.31 8.77 20.28
C CYS A 493 -30.52 7.90 20.02
N GLU A 494 -31.69 8.53 19.85
CA GLU A 494 -32.90 7.75 19.61
C GLU A 494 -32.87 7.06 18.25
N LYS A 495 -32.42 7.76 17.20
CA LYS A 495 -32.32 7.14 15.88
C LYS A 495 -31.33 6.00 15.88
N LEU A 496 -30.19 6.18 16.58
CA LEU A 496 -29.16 5.15 16.59
C LEU A 496 -29.58 3.91 17.36
N SER A 497 -30.29 4.09 18.48
CA SER A 497 -30.76 2.93 19.25
C SER A 497 -31.77 2.14 18.46
N GLN A 498 -32.63 2.83 17.69
CA GLN A 498 -33.57 2.16 16.81
C GLN A 498 -32.86 1.38 15.73
N ILE A 499 -31.83 1.99 15.13
CA ILE A 499 -31.08 1.27 14.11
C ILE A 499 -30.39 0.06 14.71
N TYR A 500 -29.95 0.18 15.96
CA TYR A 500 -29.33 -0.96 16.63
C TYR A 500 -30.33 -2.11 16.80
N ARG A 501 -31.55 -1.80 17.28
CA ARG A 501 -32.59 -2.81 17.37
C ARG A 501 -32.93 -3.38 16.00
N ASP A 502 -33.07 -2.52 15.00
CA ASP A 502 -33.44 -2.98 13.66
C ASP A 502 -32.41 -3.91 13.02
N LEU A 503 -31.18 -4.00 13.58
CA LEU A 503 -30.23 -5.05 13.19
C LEU A 503 -30.82 -6.45 13.28
N ALA A 504 -31.84 -6.67 14.11
CA ALA A 504 -32.57 -7.93 14.12
C ALA A 504 -33.21 -8.26 12.76
N HIS A 505 -33.44 -7.24 11.92
CA HIS A 505 -34.00 -7.42 10.58
C HIS A 505 -32.93 -7.48 9.49
N LEU A 506 -31.68 -7.76 9.85
CA LEU A 506 -30.60 -7.73 8.85
C LEU A 506 -30.80 -8.78 7.75
N LYS A 507 -30.28 -8.45 6.55
CA LYS A 507 -30.35 -9.28 5.36
C LYS A 507 -28.97 -9.38 4.73
N THR A 508 -28.50 -10.60 4.53
CA THR A 508 -27.30 -10.85 3.76
C THR A 508 -27.64 -11.80 2.63
N PHE A 509 -26.75 -11.89 1.66
CA PHE A 509 -27.05 -12.71 0.51
C PHE A 509 -26.03 -13.81 0.28
N ASP A 510 -24.77 -13.58 0.62
CA ASP A 510 -23.70 -14.54 0.36
C ASP A 510 -23.71 -15.56 1.48
N ARG A 511 -24.05 -16.81 1.13
CA ARG A 511 -24.10 -17.91 2.07
C ARG A 511 -22.80 -18.71 2.15
N GLY A 512 -21.78 -18.33 1.38
CA GLY A 512 -20.47 -18.93 1.49
C GLY A 512 -19.78 -18.59 2.81
N ILE A 513 -18.53 -19.03 2.91
CA ILE A 513 -17.71 -18.78 4.10
C ILE A 513 -16.28 -18.40 3.70
N VAL A 514 -15.87 -18.71 2.47
CA VAL A 514 -14.55 -18.30 1.96
C VAL A 514 -14.70 -16.92 1.33
N TRP A 515 -13.97 -15.93 1.86
CA TRP A 515 -14.01 -14.55 1.36
C TRP A 515 -15.45 -14.05 1.21
N ASN A 516 -16.22 -14.19 2.29
CA ASN A 516 -17.61 -13.69 2.36
C ASN A 516 -17.54 -12.29 2.96
N THR A 517 -17.28 -11.31 2.08
CA THR A 517 -17.23 -9.93 2.54
C THR A 517 -18.61 -9.36 2.81
N ASP A 518 -19.66 -9.96 2.22
CA ASP A 518 -21.02 -9.68 2.68
C ASP A 518 -21.13 -9.96 4.16
N LEU A 519 -20.57 -11.09 4.62
CA LEU A 519 -20.60 -11.42 6.04
C LEU A 519 -19.65 -10.54 6.84
N VAL A 520 -18.39 -10.41 6.38
CA VAL A 520 -17.37 -9.67 7.11
C VAL A 520 -17.79 -8.22 7.30
N GLU A 521 -18.46 -7.64 6.31
CA GLU A 521 -18.96 -6.28 6.48
C GLU A 521 -20.19 -6.21 7.37
N THR A 522 -20.90 -7.32 7.57
CA THR A 522 -21.97 -7.30 8.55
C THR A 522 -21.41 -7.37 9.97
N LEU A 523 -20.34 -8.14 10.17
CA LEU A 523 -19.63 -8.08 11.44
C LEU A 523 -19.10 -6.67 11.72
N GLU A 524 -18.48 -6.03 10.71
CA GLU A 524 -17.94 -4.67 10.90
C GLU A 524 -19.05 -3.68 11.26
N LEU A 525 -20.24 -3.87 10.66
CA LEU A 525 -21.39 -3.02 10.98
C LEU A 525 -21.77 -3.12 12.46
N GLN A 526 -21.91 -4.34 12.99
CA GLN A 526 -22.10 -4.56 14.42
C GLN A 526 -21.05 -3.80 15.24
N ASN A 527 -19.80 -3.82 14.79
CA ASN A 527 -18.71 -3.19 15.53
C ASN A 527 -18.80 -1.67 15.48
N LEU A 528 -19.04 -1.12 14.29
CA LEU A 528 -19.25 0.31 14.14
C LEU A 528 -20.43 0.78 14.96
N MET A 529 -21.50 -0.02 14.99
CA MET A 529 -22.68 0.37 15.75
C MET A 529 -22.36 0.49 17.24
N LEU A 530 -21.55 -0.42 17.77
CA LEU A 530 -21.20 -0.34 19.20
C LEU A 530 -20.38 0.92 19.47
N CYS A 531 -19.43 1.24 18.58
CA CYS A 531 -18.64 2.46 18.77
C CYS A 531 -19.50 3.71 18.63
N ALA A 532 -20.43 3.71 17.67
CA ALA A 532 -21.23 4.90 17.45
C ALA A 532 -22.22 5.14 18.58
N LEU A 533 -22.82 4.07 19.12
CA LEU A 533 -23.71 4.24 20.27
C LEU A 533 -22.95 4.86 21.44
N GLN A 534 -21.74 4.37 21.71
CA GLN A 534 -20.98 4.93 22.82
C GLN A 534 -20.58 6.37 22.54
N THR A 535 -20.31 6.69 21.29
CA THR A 535 -19.81 8.03 20.93
C THR A 535 -20.88 9.08 21.14
N ILE A 536 -22.10 8.81 20.66
CA ILE A 536 -23.14 9.82 20.63
C ILE A 536 -23.85 9.94 21.97
N TYR A 537 -24.03 8.82 22.69
CA TYR A 537 -24.55 8.89 24.06
C TYR A 537 -23.58 9.56 25.02
N GLY A 538 -22.27 9.38 24.83
CA GLY A 538 -21.31 10.12 25.63
C GLY A 538 -21.34 11.60 25.31
N ALA A 539 -21.59 11.95 24.04
CA ALA A 539 -21.66 13.35 23.62
C ALA A 539 -22.86 14.03 24.26
N GLU A 540 -24.02 13.37 24.24
CA GLU A 540 -25.21 13.94 24.85
C GLU A 540 -25.02 14.19 26.34
N ALA A 541 -24.31 13.28 27.03
CA ALA A 541 -24.13 13.44 28.48
C ALA A 541 -23.11 14.52 28.83
N ARG A 542 -22.09 14.73 28.01
CA ARG A 542 -21.02 15.67 28.32
C ARG A 542 -21.53 17.10 28.11
N LYS A 543 -21.93 17.75 29.20
CA LYS A 543 -22.55 19.07 29.15
C LYS A 543 -21.51 20.18 29.37
N GLU A 544 -20.54 20.21 28.46
CA GLU A 544 -19.48 21.21 28.42
C GLU A 544 -18.89 21.20 27.01
N SER A 545 -17.97 22.12 26.75
CA SER A 545 -17.23 22.16 25.50
C SER A 545 -15.74 22.00 25.79
N ARG A 546 -15.11 21.02 25.15
CA ARG A 546 -13.71 20.72 25.41
C ARG A 546 -13.10 20.09 24.16
N GLY A 547 -11.99 20.65 23.68
CA GLY A 547 -11.35 20.16 22.47
C GLY A 547 -12.34 20.09 21.31
N ALA A 548 -12.39 18.93 20.65
CA ALA A 548 -13.24 18.69 19.48
C ALA A 548 -14.73 18.57 19.82
N HIS A 549 -15.08 18.44 21.10
CA HIS A 549 -16.48 18.34 21.53
C HIS A 549 -16.97 19.74 21.84
N ALA A 550 -17.73 20.34 20.92
CA ALA A 550 -18.27 21.68 21.07
C ALA A 550 -19.78 21.59 21.24
N ARG A 551 -20.28 22.04 22.38
CA ARG A 551 -21.70 22.08 22.69
C ARG A 551 -22.14 23.54 22.66
N GLU A 552 -22.99 23.90 21.70
CA GLU A 552 -23.46 25.28 21.65
C GLU A 552 -24.51 25.59 22.70
N ASP A 553 -24.99 24.59 23.44
CA ASP A 553 -25.81 24.82 24.62
C ASP A 553 -24.97 24.84 25.90
N TYR A 554 -23.68 24.46 25.84
CA TYR A 554 -22.76 24.49 26.98
C TYR A 554 -21.41 24.90 26.40
N LYS A 555 -21.23 26.21 26.23
CA LYS A 555 -20.09 26.72 25.47
C LYS A 555 -18.80 26.77 26.28
N LEU A 556 -18.85 26.67 27.59
CA LEU A 556 -17.64 26.78 28.40
C LEU A 556 -17.07 25.41 28.73
N ARG A 557 -15.75 25.38 28.92
CA ARG A 557 -15.08 24.22 29.52
C ARG A 557 -15.29 24.25 31.03
N ILE A 558 -15.70 23.13 31.59
CA ILE A 558 -16.08 23.07 33.00
C ILE A 558 -15.06 22.18 33.73
N ASP A 559 -14.13 22.81 34.45
CA ASP A 559 -13.11 22.10 35.22
C ASP A 559 -13.48 22.09 36.71
N GLU A 560 -12.59 21.52 37.52
CA GLU A 560 -12.82 21.44 38.97
C GLU A 560 -12.62 22.79 39.66
N PHE A 561 -11.92 23.71 39.00
CA PHE A 561 -11.86 25.13 39.34
C PHE A 561 -12.18 25.93 38.08
N ASP A 562 -12.46 27.22 38.27
CA ASP A 562 -12.47 28.16 37.15
C ASP A 562 -11.03 28.64 36.98
N TYR A 563 -10.31 28.05 36.04
CA TYR A 563 -8.89 28.37 35.87
C TYR A 563 -8.65 29.70 35.15
N SER A 564 -9.71 30.48 34.89
CA SER A 564 -9.57 31.81 34.32
C SER A 564 -9.28 32.88 35.38
N LYS A 565 -9.50 32.57 36.65
CA LYS A 565 -9.26 33.47 37.77
C LYS A 565 -8.37 32.76 38.78
N PRO A 566 -7.74 33.50 39.70
CA PRO A 566 -6.82 32.86 40.65
C PRO A 566 -7.52 31.85 41.54
N LEU A 567 -6.82 30.75 41.83
CA LEU A 567 -7.43 29.65 42.58
C LEU A 567 -7.61 29.98 44.05
N GLN A 568 -6.92 31.00 44.54
CA GLN A 568 -6.98 31.45 45.92
C GLN A 568 -8.42 31.67 46.34
N GLY A 569 -8.92 30.83 47.24
CA GLY A 569 -10.24 31.00 47.80
C GLY A 569 -11.38 30.39 47.02
N GLN A 570 -11.09 29.60 45.99
CA GLN A 570 -12.14 28.97 45.21
C GLN A 570 -12.61 27.69 45.87
N GLN A 571 -13.92 27.48 45.85
CA GLN A 571 -14.48 26.21 46.28
C GLN A 571 -14.29 25.21 45.15
N LYS A 572 -13.45 24.20 45.38
CA LYS A 572 -13.22 23.16 44.39
C LYS A 572 -14.52 22.47 44.04
N ARG A 573 -14.68 22.14 42.77
CA ARG A 573 -15.96 21.52 42.48
C ARG A 573 -15.88 20.00 42.66
N PRO A 574 -16.94 19.44 43.24
CA PRO A 574 -17.01 17.98 43.41
C PRO A 574 -16.92 17.29 42.07
N PHE A 575 -16.42 16.04 42.10
CA PHE A 575 -16.11 15.32 40.86
C PHE A 575 -17.34 15.17 39.99
N GLU A 576 -18.52 15.09 40.60
CA GLU A 576 -19.77 14.91 39.87
C GLU A 576 -20.32 16.22 39.31
N GLU A 577 -19.70 17.36 39.64
CA GLU A 577 -20.19 18.65 39.20
C GLU A 577 -19.24 19.35 38.24
N HIS A 578 -18.25 18.64 37.69
CA HIS A 578 -17.43 19.21 36.64
C HIS A 578 -17.13 18.13 35.63
N TRP A 579 -16.47 18.53 34.55
CA TRP A 579 -16.31 17.66 33.40
C TRP A 579 -14.87 17.34 33.05
N ARG A 580 -13.90 17.73 33.88
CA ARG A 580 -12.51 17.36 33.62
C ARG A 580 -12.31 15.94 34.14
N LYS A 581 -12.83 14.99 33.35
CA LYS A 581 -12.86 13.58 33.69
C LYS A 581 -13.12 12.79 32.41
N HIS A 582 -12.56 11.59 32.34
CA HIS A 582 -12.71 10.73 31.18
C HIS A 582 -14.09 10.08 31.21
N THR A 583 -14.74 10.02 30.05
CA THR A 583 -15.96 9.23 29.93
C THR A 583 -15.61 7.74 29.83
N LEU A 584 -16.29 6.92 30.61
CA LEU A 584 -16.20 5.48 30.53
C LEU A 584 -17.55 4.98 30.06
N SER A 585 -17.59 4.32 28.91
CA SER A 585 -18.82 3.87 28.32
C SER A 585 -18.84 2.35 28.28
N TYR A 586 -20.03 1.77 28.53
CA TYR A 586 -20.30 0.34 28.46
C TYR A 586 -21.59 0.17 27.68
N VAL A 587 -21.72 -0.96 26.97
CA VAL A 587 -22.93 -1.28 26.22
C VAL A 587 -23.39 -2.67 26.61
N ASP A 588 -24.68 -2.79 26.92
CA ASP A 588 -25.38 -4.07 27.02
C ASP A 588 -25.70 -4.51 25.60
N VAL A 589 -24.85 -5.38 25.05
CA VAL A 589 -24.87 -5.69 23.61
C VAL A 589 -26.20 -6.27 23.14
N LYS A 590 -26.98 -6.89 24.03
CA LYS A 590 -28.29 -7.41 23.64
C LYS A 590 -29.29 -6.28 23.43
N SER A 591 -29.42 -5.38 24.42
CA SER A 591 -30.36 -4.27 24.29
C SER A 591 -29.80 -3.13 23.46
N GLY A 592 -28.48 -2.90 23.51
CA GLY A 592 -27.90 -1.69 22.99
C GLY A 592 -27.88 -0.52 23.95
N LYS A 593 -28.21 -0.76 25.23
CA LYS A 593 -28.28 0.31 26.21
C LYS A 593 -26.87 0.75 26.62
N VAL A 594 -26.62 2.06 26.59
CA VAL A 594 -25.33 2.62 26.96
C VAL A 594 -25.36 3.15 28.40
N THR A 595 -24.46 2.63 29.23
CA THR A 595 -24.20 3.16 30.57
C THR A 595 -22.89 3.95 30.54
N LEU A 596 -22.84 5.02 31.33
CA LEU A 596 -21.69 5.92 31.37
C LEU A 596 -21.20 6.10 32.80
N LYS A 597 -19.87 6.05 32.98
CA LYS A 597 -19.21 6.43 34.23
C LYS A 597 -18.04 7.34 33.89
N TYR A 598 -17.35 7.81 34.92
CA TYR A 598 -16.28 8.78 34.72
C TYR A 598 -15.13 8.44 35.65
N ARG A 599 -13.90 8.71 35.18
CA ARG A 599 -12.70 8.52 35.99
C ARG A 599 -11.77 9.71 35.80
N PRO A 600 -10.96 10.04 36.81
CA PRO A 600 -10.20 11.29 36.77
C PRO A 600 -9.13 11.29 35.69
N VAL A 601 -8.84 12.48 35.18
CA VAL A 601 -7.65 12.69 34.37
C VAL A 601 -6.43 12.60 35.26
N ILE A 602 -5.35 12.02 34.74
CA ILE A 602 -4.09 11.95 35.47
C ILE A 602 -3.26 13.19 35.16
N ASP A 603 -2.97 14.00 36.18
CA ASP A 603 -2.19 15.23 35.98
C ASP A 603 -0.71 15.10 36.34
N ARG A 604 -0.33 14.12 37.16
CA ARG A 604 1.06 13.93 37.51
C ARG A 604 1.85 13.43 36.29
N THR A 605 3.08 13.94 36.13
CA THR A 605 3.97 13.42 35.11
C THR A 605 4.76 12.24 35.68
N LEU A 606 5.67 11.68 34.90
CA LEU A 606 6.46 10.58 35.43
C LEU A 606 7.53 11.05 36.40
N ASN A 607 7.86 12.34 36.42
CA ASN A 607 8.97 12.85 37.21
C ASN A 607 8.81 14.36 37.29
N GLU A 608 8.31 14.85 38.43
CA GLU A 608 7.93 16.24 38.53
C GLU A 608 9.13 17.16 38.38
N GLU A 609 10.29 16.73 38.85
CA GLU A 609 11.50 17.55 38.76
C GLU A 609 12.00 17.63 37.33
N ASP A 610 11.75 16.58 36.54
CA ASP A 610 12.20 16.57 35.15
C ASP A 610 11.24 17.29 34.23
N CYS A 611 9.99 17.45 34.64
CA CYS A 611 8.97 17.92 33.70
C CYS A 611 7.72 18.22 34.50
N SER A 612 7.44 19.51 34.70
CA SER A 612 6.37 19.91 35.58
C SER A 612 5.02 19.50 35.00
N SER A 613 4.14 19.05 35.88
CA SER A 613 2.73 18.98 35.54
C SER A 613 2.29 20.37 35.12
N VAL A 614 1.53 20.43 34.02
CA VAL A 614 1.01 21.69 33.47
C VAL A 614 -0.43 21.84 33.96
N PRO A 615 -0.73 22.79 34.83
CA PRO A 615 -2.10 22.94 35.31
C PRO A 615 -3.00 23.45 34.19
N PRO A 616 -4.31 23.23 34.29
CA PRO A 616 -5.19 23.68 33.20
C PRO A 616 -5.20 25.20 33.10
N ALA A 617 -5.52 25.69 31.91
CA ALA A 617 -5.48 27.12 31.67
C ALA A 617 -6.44 27.42 30.52
N ILE A 618 -6.71 28.71 30.31
CA ILE A 618 -7.36 29.13 29.07
C ILE A 618 -6.54 28.63 27.90
N ARG A 619 -7.23 28.06 26.91
CA ARG A 619 -6.60 27.43 25.77
C ARG A 619 -7.02 28.22 24.53
N SER A 620 -6.05 28.87 23.89
CA SER A 620 -6.33 29.74 22.76
C SER A 620 -5.10 29.79 21.87
N TYR A 621 -5.32 29.83 20.55
CA TYR A 621 -4.24 29.75 19.57
C TYR A 621 -4.04 31.02 18.74
N SER B 9 -30.79 9.47 -16.66
CA SER B 9 -30.11 8.25 -16.28
C SER B 9 -29.10 7.90 -17.37
N ARG B 10 -27.94 7.39 -16.96
CA ARG B 10 -26.86 7.03 -17.87
C ARG B 10 -26.37 5.63 -17.51
N ILE B 11 -27.04 4.61 -18.05
CA ILE B 11 -26.76 3.23 -17.70
C ILE B 11 -25.44 2.79 -18.34
N LYS B 12 -24.50 2.35 -17.51
CA LYS B 12 -23.23 1.80 -17.94
C LYS B 12 -23.15 0.34 -17.52
N LYS B 13 -22.61 -0.50 -18.41
CA LYS B 13 -22.53 -1.94 -18.19
C LYS B 13 -21.11 -2.33 -17.81
N PHE B 14 -20.99 -3.17 -16.79
CA PHE B 14 -19.74 -3.80 -16.40
C PHE B 14 -19.91 -5.31 -16.53
N SER B 15 -18.90 -5.97 -17.05
CA SER B 15 -18.90 -7.41 -17.16
C SER B 15 -17.78 -7.90 -16.26
N ILE B 16 -18.14 -8.57 -15.17
CA ILE B 16 -17.20 -8.84 -14.08
C ILE B 16 -17.00 -10.33 -13.92
N TYR B 17 -15.75 -10.72 -13.74
CA TYR B 17 -15.37 -12.12 -13.53
C TYR B 17 -15.91 -12.64 -12.19
N ARG B 18 -16.59 -13.78 -12.23
CA ARG B 18 -17.23 -14.39 -11.07
C ARG B 18 -16.76 -15.84 -10.93
N TRP B 19 -16.32 -16.20 -9.72
CA TRP B 19 -16.08 -17.60 -9.37
C TRP B 19 -16.23 -17.79 -7.87
N ASP B 20 -17.03 -18.78 -7.46
CA ASP B 20 -17.35 -19.04 -6.06
C ASP B 20 -16.64 -20.32 -5.63
N PRO B 21 -15.69 -20.28 -4.68
CA PRO B 21 -15.10 -21.54 -4.20
C PRO B 21 -16.06 -22.39 -3.35
N ASP B 22 -17.16 -21.82 -2.87
CA ASP B 22 -18.06 -22.57 -2.01
C ASP B 22 -19.25 -23.14 -2.76
N LYS B 23 -19.27 -23.02 -4.08
CA LYS B 23 -20.23 -23.75 -4.91
C LYS B 23 -19.47 -24.89 -5.60
N PRO B 24 -19.79 -26.15 -5.28
CA PRO B 24 -19.03 -27.26 -5.87
C PRO B 24 -19.25 -27.35 -7.37
N GLY B 25 -18.15 -27.45 -8.11
CA GLY B 25 -18.19 -27.52 -9.56
C GLY B 25 -18.46 -26.22 -10.27
N ASP B 26 -18.48 -25.11 -9.55
CA ASP B 26 -18.71 -23.81 -10.18
C ASP B 26 -17.59 -23.50 -11.16
N LYS B 27 -17.96 -22.95 -12.30
CA LYS B 27 -17.03 -22.58 -13.34
C LYS B 27 -16.98 -21.06 -13.45
N PRO B 28 -15.79 -20.51 -13.73
CA PRO B 28 -15.67 -19.05 -13.88
C PRO B 28 -16.57 -18.53 -15.00
N ARG B 29 -17.15 -17.36 -14.76
CA ARG B 29 -18.10 -16.79 -15.69
C ARG B 29 -17.98 -15.28 -15.60
N MET B 30 -18.57 -14.61 -16.57
CA MET B 30 -18.73 -13.16 -16.50
C MET B 30 -20.18 -12.83 -16.17
N GLN B 31 -20.38 -11.81 -15.36
CA GLN B 31 -21.72 -11.34 -15.02
C GLN B 31 -21.80 -9.86 -15.32
N THR B 32 -22.85 -9.46 -16.02
CA THR B 32 -23.03 -8.07 -16.40
C THR B 32 -23.90 -7.35 -15.37
N TYR B 33 -23.47 -6.16 -14.99
CA TYR B 33 -24.28 -5.29 -14.17
C TYR B 33 -24.46 -3.94 -14.85
N GLU B 34 -25.59 -3.31 -14.56
CA GLU B 34 -25.93 -2.01 -15.11
C GLU B 34 -25.90 -0.99 -13.98
N VAL B 35 -25.15 0.09 -14.17
CA VAL B 35 -25.00 1.12 -13.15
C VAL B 35 -25.35 2.49 -13.73
N ASP B 36 -26.22 3.22 -13.05
CA ASP B 36 -26.55 4.59 -13.44
C ASP B 36 -25.42 5.52 -12.99
N LEU B 37 -24.68 6.07 -13.95
CA LEU B 37 -23.50 6.89 -13.62
C LEU B 37 -23.87 8.19 -12.89
N ASN B 38 -25.11 8.66 -13.01
CA ASN B 38 -25.55 9.85 -12.30
C ASN B 38 -25.81 9.61 -10.83
N LYS B 39 -25.64 8.37 -10.37
CA LYS B 39 -25.89 7.99 -8.99
C LYS B 39 -24.73 7.16 -8.48
N CYS B 40 -23.52 7.52 -8.88
CA CYS B 40 -22.32 6.75 -8.61
C CYS B 40 -21.13 7.70 -8.64
N GLY B 41 -20.13 7.41 -7.80
CA GLY B 41 -18.88 8.12 -7.85
C GLY B 41 -18.20 7.93 -9.20
N PRO B 42 -17.10 8.67 -9.44
CA PRO B 42 -16.47 8.64 -10.77
C PRO B 42 -15.52 7.48 -11.01
N MET B 43 -15.13 6.75 -9.98
CA MET B 43 -14.12 5.71 -10.12
C MET B 43 -14.75 4.32 -10.21
N VAL B 44 -13.99 3.40 -10.77
CA VAL B 44 -14.50 2.04 -10.97
C VAL B 44 -14.79 1.38 -9.63
N LEU B 45 -13.95 1.63 -8.62
CA LEU B 45 -14.24 1.12 -7.28
C LEU B 45 -15.60 1.60 -6.79
N ASP B 46 -15.95 2.86 -7.10
CA ASP B 46 -17.26 3.37 -6.72
C ASP B 46 -18.37 2.53 -7.34
N ALA B 47 -18.17 2.07 -8.58
CA ALA B 47 -19.18 1.22 -9.21
C ALA B 47 -19.19 -0.16 -8.58
N LEU B 48 -18.00 -0.69 -8.24
CA LEU B 48 -17.95 -2.00 -7.60
C LEU B 48 -18.63 -2.00 -6.24
N ILE B 49 -18.38 -0.95 -5.44
CA ILE B 49 -19.03 -0.83 -4.14
C ILE B 49 -20.53 -0.61 -4.30
N LYS B 50 -20.92 0.17 -5.31
CA LYS B 50 -22.33 0.43 -5.53
C LYS B 50 -23.07 -0.84 -5.94
N ILE B 51 -22.46 -1.65 -6.81
CA ILE B 51 -23.05 -2.94 -7.18
C ILE B 51 -23.17 -3.83 -5.96
N LYS B 52 -22.10 -3.92 -5.17
CA LYS B 52 -22.11 -4.79 -3.99
C LYS B 52 -23.17 -4.34 -2.99
N ASN B 53 -23.30 -3.03 -2.79
CA ASN B 53 -24.23 -2.54 -1.79
C ASN B 53 -25.68 -2.62 -2.26
N GLU B 54 -25.92 -2.60 -3.57
CA GLU B 54 -27.26 -2.36 -4.12
C GLU B 54 -27.79 -3.45 -5.04
N LEU B 55 -26.93 -4.21 -5.73
CA LEU B 55 -27.38 -5.20 -6.70
C LEU B 55 -26.97 -6.61 -6.33
N ASP B 56 -25.71 -6.85 -5.94
CA ASP B 56 -25.21 -8.20 -5.71
C ASP B 56 -24.18 -8.13 -4.59
N SER B 57 -24.65 -8.33 -3.36
CA SER B 57 -23.70 -8.29 -2.24
C SER B 57 -22.87 -9.57 -2.11
N THR B 58 -22.94 -10.49 -3.09
CA THR B 58 -21.98 -11.58 -3.17
C THR B 58 -20.74 -11.24 -4.00
N LEU B 59 -20.79 -10.14 -4.77
CA LEU B 59 -19.62 -9.70 -5.51
C LEU B 59 -18.51 -9.36 -4.53
N THR B 60 -17.34 -9.96 -4.72
CA THR B 60 -16.28 -9.91 -3.73
C THR B 60 -15.01 -9.38 -4.35
N PHE B 61 -14.38 -8.41 -3.67
CA PHE B 61 -13.11 -7.84 -4.09
C PHE B 61 -12.43 -7.28 -2.85
N ARG B 62 -11.13 -6.97 -2.99
CA ARG B 62 -10.33 -6.32 -1.97
C ARG B 62 -10.34 -4.81 -2.14
N ARG B 63 -10.39 -4.09 -1.02
CA ARG B 63 -10.33 -2.63 -1.04
C ARG B 63 -10.12 -2.15 0.40
N SER B 64 -9.60 -0.95 0.52
CA SER B 64 -9.46 -0.33 1.84
C SER B 64 -9.44 1.19 1.72
N CYS B 65 -8.31 1.73 1.21
CA CYS B 65 -8.04 3.17 1.34
C CYS B 65 -8.91 4.04 0.43
N ARG B 66 -9.38 3.48 -0.69
CA ARG B 66 -10.14 4.18 -1.74
C ARG B 66 -9.46 5.44 -2.32
N GLU B 67 -8.12 5.60 -2.16
CA GLU B 67 -7.43 6.77 -2.71
C GLU B 67 -6.08 6.43 -3.36
N GLY B 68 -5.81 5.15 -3.66
CA GLY B 68 -4.65 4.77 -4.42
C GLY B 68 -3.36 4.73 -3.63
N ILE B 69 -3.43 4.59 -2.31
CA ILE B 69 -2.23 4.51 -1.50
C ILE B 69 -2.00 3.12 -0.91
N CYS B 70 -3.07 2.32 -0.66
CA CYS B 70 -2.85 1.04 0.01
C CYS B 70 -2.49 -0.09 -0.94
N GLY B 71 -2.95 -0.06 -2.19
CA GLY B 71 -2.65 -1.11 -3.15
C GLY B 71 -3.61 -2.27 -3.13
N SER B 72 -4.71 -2.21 -2.35
CA SER B 72 -5.57 -3.37 -2.13
C SER B 72 -6.35 -3.75 -3.37
N CYS B 73 -6.86 -2.76 -4.11
CA CYS B 73 -7.87 -2.99 -5.13
C CYS B 73 -7.29 -3.18 -6.54
N ALA B 74 -6.07 -3.66 -6.66
CA ALA B 74 -5.50 -3.90 -7.98
C ALA B 74 -6.31 -4.95 -8.72
N MET B 75 -6.55 -4.69 -10.00
CA MET B 75 -7.32 -5.61 -10.83
C MET B 75 -7.14 -5.18 -12.29
N ASN B 76 -7.72 -5.96 -13.20
CA ASN B 76 -7.59 -5.71 -14.64
C ASN B 76 -8.88 -5.06 -15.11
N ILE B 77 -8.81 -3.78 -15.44
CA ILE B 77 -9.98 -3.02 -15.88
C ILE B 77 -9.75 -2.60 -17.32
N ALA B 78 -10.62 -3.05 -18.22
CA ALA B 78 -10.54 -2.71 -19.64
C ALA B 78 -9.18 -3.09 -20.23
N GLY B 79 -8.70 -4.27 -19.85
CA GLY B 79 -7.49 -4.80 -20.44
C GLY B 79 -6.21 -4.44 -19.73
N GLY B 80 -6.23 -3.46 -18.84
CA GLY B 80 -5.03 -3.01 -18.15
C GLY B 80 -5.14 -3.15 -16.64
N ASN B 81 -4.03 -3.57 -16.02
CA ASN B 81 -3.98 -3.69 -14.57
C ASN B 81 -3.90 -2.30 -13.95
N THR B 82 -4.77 -2.04 -12.98
CA THR B 82 -4.83 -0.72 -12.38
C THR B 82 -5.48 -0.87 -11.01
N LEU B 83 -5.64 0.24 -10.31
CA LEU B 83 -6.38 0.30 -9.06
C LEU B 83 -7.78 0.78 -9.37
N ALA B 84 -8.78 0.05 -8.88
CA ALA B 84 -10.16 0.42 -9.20
C ALA B 84 -10.50 1.79 -8.65
N CYS B 85 -9.82 2.21 -7.57
CA CYS B 85 -10.22 3.43 -6.87
C CYS B 85 -9.68 4.70 -7.52
N THR B 86 -8.69 4.62 -8.41
CA THR B 86 -8.22 5.79 -9.15
C THR B 86 -8.52 5.68 -10.64
N LYS B 87 -9.13 4.59 -11.08
CA LYS B 87 -9.42 4.35 -12.50
C LYS B 87 -10.78 4.97 -12.83
N LYS B 88 -10.77 6.01 -13.65
CA LYS B 88 -12.02 6.65 -14.04
C LYS B 88 -12.91 5.68 -14.78
N ILE B 89 -14.21 5.68 -14.45
CA ILE B 89 -15.20 4.95 -15.23
C ILE B 89 -15.27 5.55 -16.62
N ASP B 90 -15.35 4.69 -17.62
CA ASP B 90 -15.46 5.15 -19.01
C ASP B 90 -16.90 5.52 -19.30
N PRO B 91 -17.21 6.80 -19.51
CA PRO B 91 -18.59 7.24 -19.70
C PRO B 91 -19.16 7.01 -21.09
N ASP B 92 -18.44 6.33 -21.98
CA ASP B 92 -19.01 5.91 -23.26
C ASP B 92 -19.96 4.75 -22.98
N LEU B 93 -21.26 5.01 -23.06
CA LEU B 93 -22.23 4.00 -22.68
C LEU B 93 -22.38 2.89 -23.72
N SER B 94 -21.78 3.05 -24.91
CA SER B 94 -21.79 2.01 -25.92
C SER B 94 -20.76 0.92 -25.66
N LYS B 95 -19.93 1.09 -24.64
CA LYS B 95 -18.88 0.13 -24.31
C LYS B 95 -19.18 -0.50 -22.95
N THR B 96 -18.99 -1.81 -22.88
CA THR B 96 -19.02 -2.52 -21.61
C THR B 96 -17.60 -2.63 -21.07
N THR B 97 -17.41 -2.30 -19.80
CA THR B 97 -16.12 -2.48 -19.16
C THR B 97 -16.02 -3.90 -18.63
N LYS B 98 -15.06 -4.66 -19.15
CA LYS B 98 -14.74 -5.96 -18.57
C LYS B 98 -13.77 -5.79 -17.42
N ILE B 99 -14.01 -6.51 -16.32
CA ILE B 99 -13.18 -6.44 -15.12
C ILE B 99 -12.75 -7.86 -14.77
N TYR B 100 -11.45 -8.08 -14.69
CA TYR B 100 -10.90 -9.39 -14.38
C TYR B 100 -10.00 -9.29 -13.15
N PRO B 101 -9.71 -10.41 -12.50
CA PRO B 101 -8.65 -10.43 -11.51
C PRO B 101 -7.32 -10.10 -12.16
N LEU B 102 -6.32 -9.78 -11.34
CA LEU B 102 -4.96 -9.62 -11.84
C LEU B 102 -4.56 -10.86 -12.63
N PRO B 103 -3.89 -10.71 -13.77
CA PRO B 103 -3.78 -11.83 -14.71
C PRO B 103 -2.83 -12.91 -14.24
N HIS B 104 -3.13 -14.15 -14.67
CA HIS B 104 -2.27 -15.32 -14.42
C HIS B 104 -2.05 -15.57 -12.93
N MET B 105 -3.10 -15.38 -12.14
CA MET B 105 -3.02 -15.59 -10.70
C MET B 105 -4.05 -16.62 -10.29
N TYR B 106 -3.78 -17.32 -9.19
CA TYR B 106 -4.80 -18.24 -8.69
C TYR B 106 -5.90 -17.43 -8.03
N VAL B 107 -7.15 -17.72 -8.37
CA VAL B 107 -8.28 -16.93 -7.89
C VAL B 107 -8.80 -17.56 -6.60
N VAL B 108 -8.81 -16.77 -5.51
CA VAL B 108 -9.45 -17.22 -4.27
C VAL B 108 -10.96 -17.15 -4.42
N LYS B 109 -11.46 -16.01 -4.91
CA LYS B 109 -12.88 -15.83 -5.13
C LYS B 109 -13.05 -14.55 -5.94
N ASP B 110 -13.97 -14.58 -6.93
CA ASP B 110 -14.32 -13.43 -7.77
C ASP B 110 -13.08 -12.66 -8.22
N LEU B 111 -12.88 -11.44 -7.72
CA LEU B 111 -11.74 -10.62 -8.13
C LEU B 111 -10.57 -10.66 -7.15
N VAL B 112 -10.52 -11.65 -6.26
CA VAL B 112 -9.52 -11.71 -5.20
C VAL B 112 -8.47 -12.74 -5.61
N PRO B 113 -7.25 -12.31 -5.97
CA PRO B 113 -6.16 -13.23 -6.28
C PRO B 113 -5.33 -13.58 -5.05
N ASP B 114 -4.55 -14.65 -5.17
CA ASP B 114 -3.65 -15.08 -4.12
C ASP B 114 -2.28 -14.42 -4.35
N LEU B 115 -1.92 -13.48 -3.48
CA LEU B 115 -0.68 -12.72 -3.61
C LEU B 115 0.45 -13.24 -2.75
N SER B 116 0.33 -14.44 -2.18
CA SER B 116 1.31 -14.81 -1.16
C SER B 116 2.65 -15.23 -1.74
N ASN B 117 2.69 -15.72 -2.99
CA ASN B 117 3.99 -15.90 -3.65
C ASN B 117 4.62 -14.55 -3.94
N PHE B 118 3.82 -13.61 -4.42
CA PHE B 118 4.31 -12.26 -4.66
C PHE B 118 4.90 -11.63 -3.39
N TYR B 119 4.24 -11.84 -2.23
CA TYR B 119 4.76 -11.35 -0.96
C TYR B 119 6.00 -12.12 -0.54
N ALA B 120 6.02 -13.44 -0.79
CA ALA B 120 7.17 -14.23 -0.37
C ALA B 120 8.40 -13.88 -1.19
N GLN B 121 8.23 -13.51 -2.46
CA GLN B 121 9.37 -13.04 -3.24
C GLN B 121 9.91 -11.72 -2.71
N TYR B 122 9.03 -10.83 -2.23
CA TYR B 122 9.48 -9.57 -1.64
C TYR B 122 10.19 -9.82 -0.32
N LYS B 123 9.71 -10.78 0.48
CA LYS B 123 10.45 -11.14 1.68
C LYS B 123 11.83 -11.67 1.34
N SER B 124 11.98 -12.33 0.19
CA SER B 124 13.22 -13.02 -0.11
C SER B 124 14.35 -12.06 -0.45
N ILE B 125 14.04 -10.80 -0.78
CA ILE B 125 15.10 -9.86 -1.07
C ILE B 125 15.54 -9.06 0.13
N GLU B 126 14.91 -9.30 1.29
CA GLU B 126 15.29 -8.66 2.56
C GLU B 126 15.07 -7.17 2.44
N PRO B 127 13.83 -6.74 2.29
CA PRO B 127 13.55 -5.33 1.99
C PRO B 127 13.60 -4.46 3.24
N TYR B 128 14.81 -4.29 3.78
CA TYR B 128 15.00 -3.54 5.03
C TYR B 128 16.46 -3.15 5.11
N LEU B 129 16.73 -2.10 5.89
CA LEU B 129 18.09 -1.57 5.95
C LEU B 129 19.03 -2.53 6.67
N LYS B 130 20.21 -2.71 6.10
CA LYS B 130 21.20 -3.63 6.65
C LYS B 130 22.54 -2.91 6.76
N LYS B 131 23.13 -2.94 7.95
CA LYS B 131 24.45 -2.35 8.16
C LYS B 131 25.43 -3.42 8.63
N LYS B 132 26.70 -3.24 8.25
CA LYS B 132 27.71 -4.22 8.65
C LYS B 132 28.00 -4.12 10.15
N ASP B 133 28.02 -2.90 10.69
CA ASP B 133 28.08 -2.67 12.14
C ASP B 133 26.68 -2.19 12.56
N GLU B 134 25.87 -3.11 13.09
CA GLU B 134 24.53 -2.78 13.56
C GLU B 134 24.45 -2.56 15.08
N SER B 135 25.59 -2.58 15.78
CA SER B 135 25.58 -2.40 17.23
C SER B 135 25.21 -0.98 17.64
N LYS B 136 25.31 -0.01 16.72
CA LYS B 136 24.93 1.37 16.97
C LYS B 136 23.45 1.65 16.68
N GLN B 137 22.64 0.62 16.46
CA GLN B 137 21.29 0.79 15.96
C GLN B 137 20.38 1.36 17.05
N GLY B 138 19.93 2.61 16.86
CA GLY B 138 19.11 3.31 17.83
C GLY B 138 19.76 4.53 18.45
N LYS B 139 21.10 4.59 18.48
CA LYS B 139 21.79 5.72 19.09
C LYS B 139 21.53 7.03 18.35
N GLU B 140 21.99 7.15 17.11
CA GLU B 140 21.86 8.40 16.37
C GLU B 140 21.31 8.18 14.96
N GLN B 141 20.62 9.20 14.45
CA GLN B 141 20.16 9.15 13.07
C GLN B 141 21.36 9.03 12.14
N TYR B 142 21.23 8.12 11.17
CA TYR B 142 22.21 7.98 10.10
C TYR B 142 22.14 9.20 9.22
N LEU B 143 23.28 9.59 8.70
CA LEU B 143 23.36 10.77 7.86
C LEU B 143 23.18 10.36 6.40
N GLN B 144 22.28 11.05 5.70
CA GLN B 144 22.10 10.87 4.26
C GLN B 144 21.91 12.23 3.63
N SER B 145 22.75 12.54 2.64
CA SER B 145 22.65 13.83 1.98
C SER B 145 21.36 13.92 1.17
N ILE B 146 20.94 15.17 0.92
CA ILE B 146 19.75 15.47 0.12
C ILE B 146 19.86 14.81 -1.25
N GLU B 147 21.07 14.82 -1.81
CA GLU B 147 21.30 14.25 -3.14
C GLU B 147 21.19 12.73 -3.11
N ASP B 148 21.76 12.08 -2.09
CA ASP B 148 21.67 10.62 -2.05
C ASP B 148 20.25 10.17 -1.69
N ARG B 149 19.50 11.01 -0.97
CA ARG B 149 18.10 10.70 -0.73
C ARG B 149 17.26 10.86 -2.00
N GLN B 150 17.62 11.83 -2.86
CA GLN B 150 16.91 12.03 -4.12
C GLN B 150 16.97 10.79 -5.00
N LYS B 151 18.05 10.01 -4.88
CA LYS B 151 18.16 8.75 -5.62
C LYS B 151 17.05 7.76 -5.27
N LEU B 152 16.35 7.95 -4.15
CA LEU B 152 15.27 7.04 -3.77
C LEU B 152 13.91 7.43 -4.38
N ASP B 153 13.77 8.67 -4.87
CA ASP B 153 12.52 9.07 -5.51
C ASP B 153 12.27 8.24 -6.76
N GLY B 154 11.01 7.86 -6.98
CA GLY B 154 10.63 6.92 -7.99
C GLY B 154 10.75 5.47 -7.58
N LEU B 155 11.34 5.19 -6.42
CA LEU B 155 11.58 3.83 -5.96
C LEU B 155 10.83 3.48 -4.69
N TYR B 156 10.91 4.34 -3.67
CA TYR B 156 10.27 4.07 -2.40
C TYR B 156 8.75 4.23 -2.46
N GLU B 157 8.22 4.85 -3.52
CA GLU B 157 6.79 5.17 -3.55
C GLU B 157 5.92 3.97 -3.84
N CYS B 158 6.50 2.84 -4.20
CA CYS B 158 5.77 1.64 -4.58
C CYS B 158 4.81 1.20 -3.48
N ILE B 159 3.57 0.90 -3.88
CA ILE B 159 2.56 0.44 -2.93
C ILE B 159 2.41 -1.07 -2.94
N LEU B 160 3.20 -1.79 -3.75
CA LEU B 160 3.17 -3.26 -3.78
C LEU B 160 1.78 -3.78 -4.15
N CYS B 161 1.16 -3.14 -5.14
CA CYS B 161 -0.17 -3.51 -5.63
C CYS B 161 -0.16 -4.75 -6.53
N ALA B 162 1.00 -5.11 -7.07
CA ALA B 162 1.21 -6.24 -7.98
C ALA B 162 0.73 -5.97 -9.40
N CYS B 163 0.31 -4.74 -9.73
CA CYS B 163 -0.17 -4.45 -11.07
C CYS B 163 0.93 -4.69 -12.11
N CYS B 164 2.15 -4.21 -11.82
CA CYS B 164 3.24 -4.34 -12.77
C CYS B 164 3.62 -5.81 -12.99
N SER B 165 3.89 -6.54 -11.90
CA SER B 165 4.33 -7.92 -12.03
C SER B 165 3.28 -8.81 -12.71
N THR B 166 1.99 -8.62 -12.40
CA THR B 166 0.96 -9.42 -13.06
C THR B 166 0.65 -8.95 -14.47
N SER B 167 1.35 -7.93 -14.96
CA SER B 167 1.24 -7.52 -16.34
C SER B 167 2.40 -8.01 -17.19
N CYS B 168 3.38 -8.68 -16.59
CA CYS B 168 4.61 -8.99 -17.25
C CYS B 168 4.55 -10.42 -17.75
N PRO B 169 4.59 -10.64 -19.08
CA PRO B 169 4.59 -12.01 -19.59
C PRO B 169 5.70 -12.86 -19.03
N SER B 170 6.88 -12.28 -18.75
CA SER B 170 7.93 -13.10 -18.15
C SER B 170 7.52 -13.62 -16.79
N TYR B 171 6.75 -12.83 -16.04
CA TYR B 171 6.22 -13.27 -14.75
C TYR B 171 5.09 -14.26 -14.90
N TRP B 172 4.29 -14.11 -15.97
CA TRP B 172 3.26 -15.11 -16.31
C TRP B 172 3.87 -16.49 -16.51
N TRP B 173 4.93 -16.56 -17.32
CA TRP B 173 5.48 -17.87 -17.67
C TRP B 173 6.40 -18.41 -16.59
N ASN B 174 7.05 -17.54 -15.83
CA ASN B 174 8.06 -18.03 -14.90
C ASN B 174 7.97 -17.35 -13.56
N GLY B 175 6.76 -17.01 -13.12
CA GLY B 175 6.58 -16.33 -11.86
C GLY B 175 7.05 -17.10 -10.63
N ASP B 176 7.33 -18.40 -10.76
CA ASP B 176 7.87 -19.16 -9.65
C ASP B 176 9.31 -18.79 -9.34
N LYS B 177 10.11 -18.46 -10.36
CA LYS B 177 11.53 -18.21 -10.19
C LYS B 177 11.97 -16.79 -10.54
N TYR B 178 11.17 -16.05 -11.31
CA TYR B 178 11.48 -14.67 -11.68
C TYR B 178 10.83 -13.72 -10.66
N LEU B 179 11.63 -12.83 -10.08
CA LEU B 179 11.13 -12.02 -8.97
C LEU B 179 10.05 -11.06 -9.42
N GLY B 180 10.12 -10.63 -10.69
CA GLY B 180 9.14 -9.73 -11.25
C GLY B 180 9.48 -8.29 -10.96
N PRO B 181 8.86 -7.36 -11.68
CA PRO B 181 9.30 -5.95 -11.58
C PRO B 181 9.07 -5.28 -10.22
N ALA B 182 7.94 -5.53 -9.54
CA ALA B 182 7.73 -4.93 -8.22
C ALA B 182 8.88 -5.28 -7.28
N VAL B 183 9.20 -6.57 -7.14
CA VAL B 183 10.22 -6.99 -6.20
C VAL B 183 11.61 -6.56 -6.66
N LEU B 184 11.87 -6.60 -7.96
CA LEU B 184 13.19 -6.20 -8.43
C LEU B 184 13.43 -4.70 -8.22
N MET B 185 12.41 -3.86 -8.43
CA MET B 185 12.61 -2.45 -8.16
C MET B 185 12.85 -2.19 -6.68
N GLN B 186 12.17 -2.94 -5.81
CA GLN B 186 12.45 -2.80 -4.38
C GLN B 186 13.84 -3.30 -4.02
N ALA B 187 14.34 -4.33 -4.71
CA ALA B 187 15.72 -4.73 -4.52
C ALA B 187 16.68 -3.59 -4.86
N TYR B 188 16.40 -2.88 -5.96
CA TYR B 188 17.25 -1.76 -6.35
C TYR B 188 17.13 -0.57 -5.38
N ARG B 189 15.92 -0.36 -4.83
CA ARG B 189 15.73 0.66 -3.80
C ARG B 189 16.69 0.46 -2.63
N TRP B 190 16.92 -0.79 -2.22
CA TRP B 190 17.88 -1.01 -1.15
C TRP B 190 19.31 -1.04 -1.64
N MET B 191 19.52 -1.45 -2.89
CA MET B 191 20.89 -1.43 -3.42
C MET B 191 21.45 -0.02 -3.49
N ILE B 192 20.62 0.96 -3.86
CA ILE B 192 21.14 2.31 -3.99
C ILE B 192 20.88 3.19 -2.77
N ASP B 193 20.31 2.64 -1.70
CA ASP B 193 20.22 3.38 -0.44
C ASP B 193 21.64 3.57 0.10
N SER B 194 22.09 4.81 0.19
CA SER B 194 23.46 5.07 0.61
C SER B 194 23.74 4.59 2.04
N ARG B 195 22.71 4.38 2.86
CA ARG B 195 22.92 3.91 4.22
C ARG B 195 23.09 2.40 4.32
N ASP B 196 22.81 1.65 3.26
CA ASP B 196 22.83 0.18 3.29
C ASP B 196 24.20 -0.34 2.88
N ASP B 197 24.69 -1.35 3.61
CA ASP B 197 26.04 -1.88 3.43
C ASP B 197 26.07 -3.22 2.69
N TYR B 198 24.95 -3.65 2.13
CA TYR B 198 24.88 -4.99 1.54
C TYR B 198 24.64 -4.97 0.03
N THR B 199 25.11 -3.92 -0.66
CA THR B 199 24.90 -3.80 -2.10
C THR B 199 25.41 -5.03 -2.86
N GLU B 200 26.65 -5.43 -2.58
CA GLU B 200 27.22 -6.60 -3.24
C GLU B 200 26.40 -7.86 -2.98
N GLU B 201 26.03 -8.11 -1.71
CA GLU B 201 25.26 -9.32 -1.43
C GLU B 201 23.90 -9.27 -2.11
N ARG B 202 23.34 -8.08 -2.29
CA ARG B 202 22.03 -7.95 -2.92
C ARG B 202 22.12 -8.24 -4.42
N LEU B 203 23.19 -7.76 -5.07
CA LEU B 203 23.47 -8.15 -6.45
C LEU B 203 23.77 -9.64 -6.56
N ALA B 204 24.52 -10.19 -5.60
CA ALA B 204 24.95 -11.58 -5.69
C ALA B 204 23.78 -12.54 -5.67
N GLN B 205 22.67 -12.13 -5.05
CA GLN B 205 21.47 -12.95 -4.96
C GLN B 205 20.78 -13.14 -6.31
N LEU B 206 21.07 -12.29 -7.30
CA LEU B 206 20.43 -12.39 -8.61
C LEU B 206 21.33 -13.02 -9.67
N GLN B 207 22.39 -13.72 -9.25
CA GLN B 207 23.31 -14.41 -10.18
C GLN B 207 22.80 -15.81 -10.50
N ASP B 208 21.66 -15.86 -11.18
CA ASP B 208 21.06 -17.10 -11.65
C ASP B 208 20.25 -16.78 -12.89
N PRO B 209 19.75 -17.80 -13.61
CA PRO B 209 19.11 -17.51 -14.90
C PRO B 209 17.74 -16.86 -14.81
N PHE B 210 17.08 -16.83 -13.63
CA PHE B 210 15.65 -16.48 -13.55
C PHE B 210 15.31 -15.25 -12.73
N SER B 211 15.96 -15.05 -11.56
CA SER B 211 15.51 -14.04 -10.58
C SER B 211 15.38 -12.66 -11.21
N LEU B 212 16.40 -12.28 -11.96
CA LEU B 212 16.43 -11.01 -12.66
C LEU B 212 16.35 -11.15 -14.17
N TYR B 213 16.96 -12.20 -14.74
CA TYR B 213 17.28 -12.22 -16.17
C TYR B 213 16.16 -12.75 -17.05
N ARG B 214 15.00 -13.08 -16.47
CA ARG B 214 13.80 -13.26 -17.29
C ARG B 214 13.25 -11.95 -17.82
N CYS B 215 13.69 -10.80 -17.31
CA CYS B 215 13.29 -9.52 -17.90
C CYS B 215 13.91 -9.31 -19.27
N HIS B 216 13.06 -9.21 -20.29
CA HIS B 216 13.45 -8.91 -21.65
C HIS B 216 12.96 -7.54 -22.08
N THR B 217 12.73 -6.62 -21.13
CA THR B 217 12.41 -5.21 -21.44
C THR B 217 11.11 -5.08 -22.24
N ILE B 218 10.11 -5.90 -21.92
CA ILE B 218 8.81 -5.74 -22.55
C ILE B 218 8.23 -4.36 -22.29
N MET B 219 8.32 -3.90 -21.03
CA MET B 219 7.86 -2.58 -20.58
C MET B 219 6.35 -2.48 -20.35
N ASN B 220 5.66 -3.60 -20.16
CA ASN B 220 4.29 -3.55 -19.67
C ASN B 220 4.24 -3.02 -18.23
N CYS B 221 5.29 -3.30 -17.45
CA CYS B 221 5.33 -2.88 -16.05
C CYS B 221 5.20 -1.37 -15.93
N THR B 222 6.04 -0.64 -16.66
CA THR B 222 6.04 0.81 -16.56
C THR B 222 4.76 1.43 -17.14
N ARG B 223 4.20 0.84 -18.19
CA ARG B 223 2.94 1.35 -18.70
C ARG B 223 1.83 1.28 -17.65
N THR B 224 1.81 0.21 -16.87
CA THR B 224 0.63 -0.13 -16.08
C THR B 224 0.65 0.49 -14.67
N CYS B 225 1.83 0.90 -14.19
CA CYS B 225 2.02 1.39 -12.84
C CYS B 225 1.10 2.55 -12.47
N PRO B 226 0.17 2.30 -11.55
CA PRO B 226 -0.73 3.36 -11.10
C PRO B 226 -0.03 4.46 -10.30
N LYS B 227 1.24 4.29 -9.96
CA LYS B 227 2.02 5.34 -9.32
C LYS B 227 2.97 6.05 -10.28
N GLY B 228 2.94 5.70 -11.56
CA GLY B 228 3.82 6.34 -12.51
C GLY B 228 5.27 6.02 -12.28
N LEU B 229 5.58 4.91 -11.61
CA LEU B 229 6.95 4.49 -11.39
C LEU B 229 7.48 3.80 -12.65
N ASN B 230 8.77 3.50 -12.66
CA ASN B 230 9.42 2.91 -13.83
C ASN B 230 10.20 1.68 -13.40
N PRO B 231 9.50 0.59 -13.11
CA PRO B 231 10.21 -0.62 -12.74
C PRO B 231 11.07 -1.18 -13.86
N GLY B 232 10.67 -0.96 -15.11
CA GLY B 232 11.50 -1.36 -16.23
C GLY B 232 12.86 -0.67 -16.23
N LYS B 233 12.88 0.63 -15.91
CA LYS B 233 14.17 1.33 -15.87
C LYS B 233 15.03 0.87 -14.70
N ALA B 234 14.39 0.64 -13.54
CA ALA B 234 15.13 0.18 -12.38
C ALA B 234 15.76 -1.18 -12.65
N ILE B 235 15.08 -2.04 -13.40
CA ILE B 235 15.64 -3.34 -13.76
C ILE B 235 16.89 -3.16 -14.62
N ALA B 236 16.86 -2.23 -15.56
CA ALA B 236 18.00 -1.96 -16.43
C ALA B 236 19.21 -1.48 -15.63
N GLU B 237 18.97 -0.73 -14.55
CA GLU B 237 20.06 -0.27 -13.71
C GLU B 237 20.67 -1.41 -12.91
N ILE B 238 19.84 -2.33 -12.40
CA ILE B 238 20.37 -3.54 -11.76
C ILE B 238 21.31 -4.28 -12.71
N LYS B 239 20.81 -4.60 -13.93
CA LYS B 239 21.62 -5.29 -14.94
C LYS B 239 22.96 -4.62 -15.16
N LYS B 240 22.99 -3.29 -15.20
CA LYS B 240 24.26 -2.59 -15.36
C LYS B 240 25.13 -2.77 -14.13
N MET B 241 24.53 -2.76 -12.93
CA MET B 241 25.31 -3.00 -11.73
C MET B 241 25.81 -4.43 -11.67
N MET B 242 24.98 -5.38 -12.13
CA MET B 242 25.38 -6.79 -12.13
C MET B 242 26.65 -7.00 -12.95
N ALA B 243 26.74 -6.35 -14.10
CA ALA B 243 27.88 -6.55 -14.98
C ALA B 243 29.10 -5.72 -14.60
N THR B 244 29.00 -4.83 -13.62
CA THR B 244 30.11 -3.95 -13.28
C THR B 244 30.70 -4.20 -11.91
N TYR B 245 29.97 -4.82 -10.98
CA TYR B 245 30.42 -4.92 -9.60
C TYR B 245 31.56 -5.93 -9.44
N LYS B 246 32.53 -5.58 -8.59
CA LYS B 246 33.61 -6.46 -8.19
C LYS B 246 33.32 -7.03 -6.80
N GLU B 247 34.09 -8.05 -6.41
CA GLU B 247 33.91 -8.70 -5.11
C GLU B 247 35.05 -8.37 -4.15
N ALA C 2 7.44 -16.70 11.14
CA ALA C 2 7.90 -18.03 11.47
C ALA C 2 7.83 -18.93 10.24
N THR C 3 7.89 -18.34 9.06
CA THR C 3 8.06 -19.09 7.82
C THR C 3 9.05 -18.34 6.94
N THR C 4 10.10 -19.01 6.50
CA THR C 4 11.02 -18.39 5.55
C THR C 4 10.32 -18.17 4.21
N ALA C 5 10.93 -17.31 3.40
CA ALA C 5 10.36 -17.01 2.10
C ALA C 5 10.30 -18.26 1.21
N LYS C 6 11.35 -19.06 1.22
CA LYS C 6 11.38 -20.28 0.43
C LYS C 6 10.26 -21.24 0.85
N GLU C 7 10.06 -21.40 2.16
CA GLU C 7 8.94 -22.19 2.63
C GLU C 7 7.62 -21.59 2.19
N GLU C 8 7.54 -20.26 2.16
CA GLU C 8 6.29 -19.62 1.77
C GLU C 8 5.98 -19.88 0.29
N MET C 9 6.99 -19.77 -0.58
CA MET C 9 6.76 -20.06 -1.99
C MET C 9 6.37 -21.51 -2.19
N ALA C 10 7.05 -22.42 -1.50
CA ALA C 10 6.71 -23.84 -1.61
C ALA C 10 5.28 -24.12 -1.18
N ARG C 11 4.84 -23.54 -0.06
CA ARG C 11 3.47 -23.80 0.39
C ARG C 11 2.46 -23.24 -0.59
N PHE C 12 2.76 -22.06 -1.16
CA PHE C 12 1.91 -21.47 -2.20
C PHE C 12 1.64 -22.44 -3.33
N TRP C 13 2.71 -23.04 -3.88
CA TRP C 13 2.54 -23.93 -5.03
C TRP C 13 1.85 -25.23 -4.63
N GLU C 14 2.17 -25.73 -3.44
CA GLU C 14 1.58 -26.94 -2.89
C GLU C 14 0.08 -26.74 -2.64
N MLZ C 15 -0.28 -25.62 -2.02
CA MLZ C 15 -1.68 -25.28 -1.79
CB MLZ C 15 -1.70 -23.98 -0.96
CG MLZ C 15 -3.06 -23.31 -0.72
CD MLZ C 15 -2.94 -22.06 0.17
CE MLZ C 15 -2.73 -20.77 -0.64
NZ MLZ C 15 -2.03 -19.69 0.05
CM MLZ C 15 -0.58 -19.63 0.10
C MLZ C 15 -2.36 -25.13 -3.12
O MLZ C 15 -3.35 -25.83 -3.38
N ASN C 16 -1.84 -24.28 -3.99
CA ASN C 16 -2.61 -23.95 -5.19
C ASN C 16 -2.72 -25.04 -6.25
N THR C 17 -1.60 -25.72 -6.58
CA THR C 17 -1.64 -26.73 -7.64
C THR C 17 -2.57 -27.88 -7.31
N LYS C 18 -2.77 -28.17 -6.02
CA LYS C 18 -3.74 -29.20 -5.67
C LYS C 18 -5.13 -28.64 -5.40
N SER C 19 -5.35 -27.33 -5.55
CA SER C 19 -6.66 -26.73 -5.28
C SER C 19 -7.57 -26.83 -6.49
N SER C 20 -8.84 -26.48 -6.28
CA SER C 20 -9.78 -26.29 -7.37
C SER C 20 -9.76 -24.86 -7.91
N ARG C 21 -8.82 -24.02 -7.46
CA ARG C 21 -8.85 -22.62 -7.84
C ARG C 21 -8.50 -22.47 -9.33
N PRO C 22 -9.23 -21.62 -10.06
CA PRO C 22 -8.89 -21.38 -11.47
C PRO C 22 -7.74 -20.40 -11.59
N LEU C 23 -7.09 -20.43 -12.73
CA LEU C 23 -6.08 -19.43 -13.08
C LEU C 23 -6.76 -18.30 -13.85
N SER C 24 -6.59 -17.08 -13.36
CA SER C 24 -7.24 -15.94 -13.99
C SER C 24 -6.65 -15.76 -15.39
N PRO C 25 -7.45 -15.24 -16.33
CA PRO C 25 -6.96 -15.05 -17.70
C PRO C 25 -5.88 -13.97 -17.80
N HIS C 26 -5.12 -14.05 -18.87
CA HIS C 26 -3.95 -13.21 -19.05
C HIS C 26 -3.84 -12.77 -20.51
N ILE C 27 -3.15 -13.56 -21.33
CA ILE C 27 -2.86 -13.16 -22.71
C ILE C 27 -4.15 -12.96 -23.49
N SER C 28 -5.17 -13.82 -23.26
CA SER C 28 -6.45 -13.68 -23.94
C SER C 28 -7.23 -12.43 -23.53
N ILE C 29 -6.86 -11.73 -22.46
CA ILE C 29 -7.68 -10.58 -22.05
C ILE C 29 -6.89 -9.29 -21.91
N TYR C 30 -5.56 -9.36 -22.00
CA TYR C 30 -4.75 -8.16 -21.74
C TYR C 30 -4.73 -7.23 -22.95
N LYS C 31 -4.71 -5.92 -22.67
CA LYS C 31 -4.73 -4.92 -23.73
C LYS C 31 -3.35 -4.79 -24.36
N TRP C 32 -3.30 -4.84 -25.69
CA TRP C 32 -2.02 -4.72 -26.38
C TRP C 32 -1.60 -3.27 -26.49
N SER C 33 -0.30 -3.05 -26.57
CA SER C 33 0.24 -1.75 -26.97
C SER C 33 1.24 -1.98 -28.09
N LEU C 34 1.72 -0.88 -28.70
CA LEU C 34 2.73 -1.04 -29.74
C LEU C 34 4.04 -1.60 -29.18
N PRO C 35 4.59 -1.09 -28.06
CA PRO C 35 5.80 -1.69 -27.52
C PRO C 35 5.68 -3.18 -27.23
N MET C 36 4.52 -3.59 -26.71
CA MET C 36 4.32 -5.01 -26.42
C MET C 36 4.29 -5.84 -27.70
N ALA C 37 3.54 -5.38 -28.71
CA ALA C 37 3.55 -6.06 -30.01
C ALA C 37 4.95 -6.11 -30.59
N MET C 38 5.71 -5.02 -30.48
CA MET C 38 7.05 -4.99 -31.06
C MET C 38 8.04 -5.87 -30.30
N SER C 39 7.79 -6.09 -29.00
CA SER C 39 8.64 -6.96 -28.23
C SER C 39 8.49 -8.40 -28.66
N ILE C 40 7.26 -8.83 -28.92
CA ILE C 40 7.13 -10.23 -29.26
C ILE C 40 7.55 -10.46 -30.72
N THR C 41 7.40 -9.44 -31.57
CA THR C 41 7.86 -9.53 -32.95
C THR C 41 9.39 -9.58 -33.03
N HIS C 42 10.08 -9.00 -32.04
CA HIS C 42 11.53 -9.12 -32.00
C HIS C 42 11.94 -10.55 -31.73
N ARG C 43 11.23 -11.22 -30.82
CA ARG C 43 11.47 -12.63 -30.60
C ARG C 43 11.10 -13.48 -31.82
N GLY C 44 9.95 -13.19 -32.44
CA GLY C 44 9.52 -14.00 -33.56
C GLY C 44 10.45 -13.85 -34.76
N THR C 45 10.85 -12.62 -35.07
CA THR C 45 11.82 -12.43 -36.16
C THR C 45 13.19 -13.01 -35.81
N GLY C 46 13.55 -13.04 -34.53
CA GLY C 46 14.83 -13.62 -34.18
C GLY C 46 14.85 -15.12 -34.37
N VAL C 47 13.78 -15.79 -33.94
CA VAL C 47 13.65 -17.22 -34.11
C VAL C 47 13.59 -17.56 -35.60
N ALA C 48 12.83 -16.78 -36.36
CA ALA C 48 12.68 -17.01 -37.80
C ALA C 48 14.04 -16.92 -38.51
N LEU C 49 14.81 -15.87 -38.20
CA LEU C 49 16.13 -15.72 -38.81
C LEU C 49 17.05 -16.90 -38.47
N SER C 50 17.01 -17.37 -37.23
CA SER C 50 17.82 -18.53 -36.83
C SER C 50 17.37 -19.78 -37.55
N LEU C 51 16.06 -19.98 -37.68
CA LEU C 51 15.61 -21.19 -38.36
C LEU C 51 15.92 -21.10 -39.85
N GLY C 52 15.97 -19.89 -40.40
CA GLY C 52 16.43 -19.71 -41.76
C GLY C 52 17.91 -19.98 -41.92
N VAL C 53 18.71 -19.59 -40.92
CA VAL C 53 20.15 -19.86 -41.00
C VAL C 53 20.43 -21.36 -40.88
N SER C 54 19.73 -22.02 -39.98
CA SER C 54 19.92 -23.46 -39.80
C SER C 54 19.47 -24.24 -41.01
N LEU C 55 18.38 -23.83 -41.67
CA LEU C 55 17.95 -24.52 -42.88
C LEU C 55 18.95 -24.33 -44.00
N PHE C 56 19.44 -23.11 -44.16
CA PHE C 56 20.47 -22.85 -45.16
C PHE C 56 21.68 -23.73 -44.91
N SER C 57 22.11 -23.82 -43.66
CA SER C 57 23.26 -24.60 -43.30
C SER C 57 23.04 -26.07 -43.57
N LEU C 58 21.81 -26.55 -43.35
CA LEU C 58 21.50 -27.95 -43.64
C LEU C 58 21.52 -28.23 -45.14
N ALA C 59 21.05 -27.28 -45.94
CA ALA C 59 21.02 -27.45 -47.39
C ALA C 59 22.43 -27.49 -47.97
N ALA C 60 23.34 -26.67 -47.44
CA ALA C 60 24.74 -26.74 -47.86
C ALA C 60 25.33 -28.13 -47.62
N LEU C 61 24.92 -28.80 -46.55
CA LEU C 61 25.42 -30.14 -46.24
C LEU C 61 24.69 -31.25 -47.00
N LEU C 62 23.53 -30.99 -47.59
CA LEU C 62 22.65 -32.10 -47.95
C LEU C 62 22.19 -32.07 -49.40
N LEU C 63 22.12 -30.90 -49.99
CA LEU C 63 21.65 -30.77 -51.35
C LEU C 63 22.75 -31.18 -52.34
N PRO C 64 22.40 -31.87 -53.42
CA PRO C 64 23.43 -32.43 -54.31
C PRO C 64 24.08 -31.41 -55.22
N GLU C 65 23.47 -30.25 -55.41
CA GLU C 65 24.06 -29.19 -56.21
C GLU C 65 24.53 -28.07 -55.29
N GLN C 66 25.31 -27.17 -55.86
CA GLN C 66 25.82 -26.02 -55.12
C GLN C 66 25.04 -24.77 -55.47
N PHE C 67 25.22 -23.74 -54.64
CA PHE C 67 24.47 -22.49 -54.72
C PHE C 67 24.37 -21.89 -56.11
N PRO C 68 25.45 -21.74 -56.89
CA PRO C 68 25.33 -21.08 -58.20
C PRO C 68 24.41 -21.81 -59.16
N HIS C 69 24.29 -23.12 -59.05
CA HIS C 69 23.31 -23.85 -59.83
C HIS C 69 21.89 -23.41 -59.47
N TYR C 70 21.59 -23.27 -58.18
CA TYR C 70 20.24 -22.91 -57.78
C TYR C 70 19.91 -21.48 -58.15
N VAL C 71 20.90 -20.59 -58.10
CA VAL C 71 20.66 -19.22 -58.55
C VAL C 71 20.36 -19.20 -60.05
N ALA C 72 21.11 -19.99 -60.82
CA ALA C 72 20.87 -20.10 -62.25
C ALA C 72 19.47 -20.62 -62.55
N VAL C 73 19.10 -21.75 -61.92
CA VAL C 73 17.76 -22.32 -62.04
C VAL C 73 16.70 -21.26 -61.77
N VAL C 74 16.89 -20.48 -60.71
CA VAL C 74 15.93 -19.45 -60.35
C VAL C 74 15.80 -18.40 -61.46
N LYS C 75 16.95 -17.90 -61.95
CA LYS C 75 16.91 -16.88 -62.98
C LYS C 75 16.29 -17.42 -64.26
N SER C 76 16.44 -18.72 -64.54
CA SER C 76 15.91 -19.31 -65.75
C SER C 76 14.38 -19.28 -65.79
N LEU C 77 13.73 -19.12 -64.63
CA LEU C 77 12.28 -19.01 -64.57
C LEU C 77 11.76 -17.66 -65.03
N SER C 78 12.65 -16.69 -65.27
CA SER C 78 12.30 -15.33 -65.69
C SER C 78 11.12 -14.76 -64.92
N LEU C 79 11.30 -14.66 -63.60
CA LEU C 79 10.22 -14.20 -62.75
C LEU C 79 10.01 -12.71 -62.93
N SER C 80 8.78 -12.27 -62.61
CA SER C 80 8.44 -10.88 -62.80
C SER C 80 9.22 -10.02 -61.80
N PRO C 81 9.66 -8.83 -62.19
CA PRO C 81 10.39 -7.97 -61.27
C PRO C 81 9.62 -7.61 -60.00
N ALA C 82 8.28 -7.53 -60.09
CA ALA C 82 7.47 -7.29 -58.90
C ALA C 82 7.48 -8.48 -57.96
N LEU C 83 7.55 -9.71 -58.50
CA LEU C 83 7.62 -10.87 -57.63
C LEU C 83 9.02 -11.04 -57.03
N ILE C 84 10.06 -10.73 -57.81
CA ILE C 84 11.42 -10.68 -57.24
C ILE C 84 11.48 -9.65 -56.13
N TYR C 85 10.84 -8.50 -56.33
CA TYR C 85 10.86 -7.44 -55.32
C TYR C 85 10.15 -7.89 -54.05
N SER C 86 9.03 -8.60 -54.18
CA SER C 86 8.34 -9.12 -53.00
C SER C 86 9.23 -10.08 -52.23
N ALA C 87 9.85 -11.03 -52.92
CA ALA C 87 10.68 -12.02 -52.24
C ALA C 87 11.86 -11.37 -51.53
N LYS C 88 12.50 -10.40 -52.17
CA LYS C 88 13.59 -9.67 -51.52
C LYS C 88 13.08 -8.87 -50.33
N PHE C 89 11.94 -8.21 -50.48
CA PHE C 89 11.37 -7.47 -49.35
C PHE C 89 11.02 -8.41 -48.22
N ALA C 90 10.47 -9.58 -48.54
CA ALA C 90 10.14 -10.54 -47.50
C ALA C 90 11.38 -11.13 -46.85
N LEU C 91 12.45 -11.31 -47.61
CA LEU C 91 13.65 -11.84 -46.97
C LEU C 91 14.28 -10.80 -46.07
N VAL C 92 14.34 -9.54 -46.52
CA VAL C 92 15.07 -8.53 -45.78
C VAL C 92 14.28 -7.94 -44.63
N PHE C 93 12.94 -7.99 -44.68
CA PHE C 93 12.11 -7.32 -43.67
C PHE C 93 12.38 -7.82 -42.25
N PRO C 94 12.37 -9.12 -41.97
CA PRO C 94 12.65 -9.56 -40.59
C PRO C 94 14.07 -9.26 -40.14
N LEU C 95 15.04 -9.34 -41.04
CA LEU C 95 16.40 -8.95 -40.70
C LEU C 95 16.47 -7.47 -40.37
N SER C 96 15.83 -6.64 -41.21
CA SER C 96 15.81 -5.22 -40.95
C SER C 96 15.12 -4.90 -39.62
N TYR C 97 13.98 -5.55 -39.37
CA TYR C 97 13.24 -5.30 -38.14
C TYR C 97 14.09 -5.67 -36.92
N HIS C 98 14.56 -6.92 -36.90
CA HIS C 98 15.35 -7.42 -35.79
C HIS C 98 16.62 -6.59 -35.57
N THR C 99 17.24 -6.12 -36.65
CA THR C 99 18.45 -5.32 -36.53
C THR C 99 18.18 -3.97 -35.88
N TRP C 100 17.21 -3.21 -36.41
CA TRP C 100 16.95 -1.89 -35.87
C TRP C 100 16.43 -1.99 -34.44
N ASN C 101 15.55 -2.96 -34.19
CA ASN C 101 15.05 -3.18 -32.84
C ASN C 101 16.13 -3.75 -31.95
N GLY C 102 17.08 -4.50 -32.51
CA GLY C 102 18.20 -4.95 -31.71
C GLY C 102 19.01 -3.78 -31.19
N ILE C 103 19.18 -2.76 -32.03
CA ILE C 103 19.87 -1.54 -31.65
C ILE C 103 19.13 -0.84 -30.52
N ARG C 104 17.81 -0.81 -30.62
CA ARG C 104 16.98 -0.26 -29.57
C ARG C 104 17.20 -1.01 -28.25
N HIS C 105 17.21 -2.34 -28.30
CA HIS C 105 17.56 -3.16 -27.14
C HIS C 105 18.94 -2.81 -26.59
N LEU C 106 19.92 -2.62 -27.46
CA LEU C 106 21.26 -2.30 -26.96
C LEU C 106 21.30 -0.94 -26.29
N VAL C 107 20.48 0.00 -26.77
CA VAL C 107 20.31 1.30 -26.11
C VAL C 107 19.68 1.16 -24.72
N TRP C 108 18.57 0.40 -24.62
CA TRP C 108 18.00 0.09 -23.30
C TRP C 108 19.03 -0.53 -22.37
N ASP C 109 19.87 -1.41 -22.89
CA ASP C 109 20.82 -2.08 -22.00
C ASP C 109 21.87 -1.13 -21.42
N MET C 110 22.01 0.05 -22.01
CA MET C 110 22.83 1.12 -21.45
C MET C 110 22.05 1.98 -20.46
N GLY C 111 20.76 1.73 -20.29
CA GLY C 111 19.93 2.50 -19.39
C GLY C 111 19.25 3.71 -19.99
N LYS C 112 19.29 3.89 -21.31
CA LYS C 112 18.71 5.05 -21.99
C LYS C 112 17.37 4.71 -22.62
N GLY C 113 16.48 5.71 -22.70
CA GLY C 113 15.23 5.55 -23.40
C GLY C 113 14.10 4.83 -22.68
N PHE C 114 14.06 4.91 -21.34
CA PHE C 114 13.07 4.16 -20.55
C PHE C 114 11.82 4.97 -20.20
N LYS C 115 11.83 6.29 -20.38
CA LYS C 115 10.60 7.05 -20.24
C LYS C 115 9.59 6.48 -21.21
N LEU C 116 8.35 6.29 -20.74
CA LEU C 116 7.39 5.54 -21.55
C LEU C 116 7.15 6.23 -22.89
N SER C 117 7.17 7.57 -22.91
CA SER C 117 7.01 8.28 -24.16
C SER C 117 8.19 8.04 -25.10
N GLN C 118 9.38 7.72 -24.56
CA GLN C 118 10.52 7.46 -25.44
C GLN C 118 10.55 6.02 -25.91
N VAL C 119 9.98 5.11 -25.13
CA VAL C 119 9.77 3.75 -25.62
C VAL C 119 8.90 3.80 -26.87
N GLU C 120 7.90 4.68 -26.86
CA GLU C 120 6.98 4.80 -27.98
C GLU C 120 7.65 5.49 -29.17
N GLN C 121 8.37 6.59 -28.92
CA GLN C 121 9.13 7.25 -29.98
C GLN C 121 10.11 6.31 -30.64
N SER C 122 10.88 5.57 -29.84
CA SER C 122 11.91 4.73 -30.40
C SER C 122 11.33 3.55 -31.17
N GLY C 123 10.15 3.07 -30.77
CA GLY C 123 9.51 2.01 -31.51
C GLY C 123 9.00 2.46 -32.86
N VAL C 124 8.32 3.60 -32.89
CA VAL C 124 7.87 4.16 -34.17
C VAL C 124 9.06 4.47 -35.05
N VAL C 125 10.16 4.95 -34.46
CA VAL C 125 11.39 5.17 -35.21
C VAL C 125 11.89 3.85 -35.80
N VAL C 126 11.88 2.78 -35.00
CA VAL C 126 12.28 1.46 -35.50
C VAL C 126 11.40 1.05 -36.67
N LEU C 127 10.11 1.38 -36.62
CA LEU C 127 9.23 0.98 -37.71
C LEU C 127 9.55 1.71 -39.00
N ILE C 128 9.85 3.00 -38.94
CA ILE C 128 10.03 3.70 -40.21
C ILE C 128 11.38 3.33 -40.81
N LEU C 129 12.39 3.10 -39.99
CA LEU C 129 13.67 2.68 -40.53
C LEU C 129 13.58 1.28 -41.12
N THR C 130 12.87 0.37 -40.44
CA THR C 130 12.63 -0.95 -41.00
C THR C 130 11.99 -0.86 -42.39
N LEU C 131 11.00 0.02 -42.55
CA LEU C 131 10.37 0.16 -43.86
C LEU C 131 11.34 0.76 -44.87
N LEU C 132 12.00 1.87 -44.51
CA LEU C 132 12.88 2.55 -45.46
C LEU C 132 14.03 1.66 -45.89
N SER C 133 14.71 1.04 -44.94
CA SER C 133 15.83 0.19 -45.30
C SER C 133 15.39 -1.04 -46.07
N SER C 134 14.19 -1.58 -45.77
CA SER C 134 13.74 -2.77 -46.47
C SER C 134 13.41 -2.46 -47.93
N ALA C 135 12.65 -1.38 -48.17
CA ALA C 135 12.31 -1.00 -49.54
C ALA C 135 13.55 -0.59 -50.32
N ALA C 136 14.50 0.08 -49.66
CA ALA C 136 15.72 0.45 -50.38
C ALA C 136 16.52 -0.78 -50.75
N ILE C 137 16.57 -1.77 -49.87
CA ILE C 137 17.35 -2.98 -50.13
C ILE C 137 16.62 -3.92 -51.10
N ALA C 138 15.30 -4.02 -50.99
CA ALA C 138 14.57 -4.83 -51.96
C ALA C 138 14.65 -4.24 -53.37
N ALA C 139 14.92 -2.93 -53.49
CA ALA C 139 15.14 -2.33 -54.81
C ALA C 139 16.51 -2.66 -55.40
N MET C 140 17.49 -3.00 -54.56
CA MET C 140 18.86 -3.27 -55.02
C MET C 140 18.97 -4.47 -55.96
N SER D 2 32.26 -18.82 -13.09
CA SER D 2 32.49 -18.07 -11.87
C SER D 2 31.22 -18.01 -11.04
N SER D 3 31.31 -17.35 -9.88
CA SER D 3 30.10 -17.00 -9.14
C SER D 3 29.31 -15.90 -9.84
N LYS D 4 29.88 -15.26 -10.85
CA LYS D 4 29.20 -14.26 -11.66
C LYS D 4 28.83 -14.80 -13.03
N ALA D 5 28.41 -16.08 -13.09
CA ALA D 5 28.17 -16.73 -14.38
C ALA D 5 27.01 -16.06 -15.13
N ALA D 6 25.98 -15.65 -14.41
CA ALA D 6 24.80 -15.13 -15.08
C ALA D 6 25.04 -13.72 -15.61
N SER D 7 25.77 -12.88 -14.87
CA SER D 7 26.06 -11.56 -15.42
C SER D 7 27.08 -11.64 -16.55
N LEU D 8 28.06 -12.55 -16.46
CA LEU D 8 29.00 -12.66 -17.56
C LEU D 8 28.30 -13.11 -18.83
N HIS D 9 27.30 -13.97 -18.69
CA HIS D 9 26.57 -14.45 -19.87
C HIS D 9 25.77 -13.32 -20.50
N TRP D 10 25.10 -12.52 -19.69
CA TRP D 10 24.35 -11.39 -20.20
C TRP D 10 25.27 -10.41 -20.93
N THR D 11 26.45 -10.17 -20.37
CA THR D 11 27.39 -9.26 -21.03
C THR D 11 27.88 -9.86 -22.35
N SER D 12 28.16 -11.17 -22.36
CA SER D 12 28.64 -11.83 -23.58
C SER D 12 27.58 -11.83 -24.66
N GLU D 13 26.30 -12.02 -24.28
CA GLU D 13 25.24 -11.94 -25.26
C GLU D 13 25.21 -10.58 -25.93
N ARG D 14 25.38 -9.52 -25.14
CA ARG D 14 25.35 -8.18 -25.71
C ARG D 14 26.57 -7.94 -26.60
N ALA D 15 27.74 -8.44 -26.20
CA ALA D 15 28.92 -8.22 -27.02
C ALA D 15 28.82 -8.92 -28.37
N VAL D 16 28.15 -10.07 -28.40
CA VAL D 16 28.04 -10.84 -29.65
C VAL D 16 27.04 -10.18 -30.57
N SER D 17 25.90 -9.73 -30.02
CA SER D 17 24.97 -8.90 -30.77
C SER D 17 25.70 -7.73 -31.44
N ALA D 18 26.57 -7.07 -30.69
CA ALA D 18 27.20 -5.87 -31.21
C ALA D 18 28.20 -6.23 -32.30
N LEU D 19 28.93 -7.33 -32.11
CA LEU D 19 29.85 -7.84 -33.10
C LEU D 19 29.11 -8.16 -34.39
N LEU D 20 28.02 -8.91 -34.27
CA LEU D 20 27.18 -9.26 -35.42
C LEU D 20 26.65 -8.01 -36.10
N LEU D 21 26.34 -6.96 -35.33
CA LEU D 21 25.90 -5.73 -35.96
C LEU D 21 27.02 -5.09 -36.78
N GLY D 22 28.27 -5.18 -36.32
CA GLY D 22 29.34 -4.63 -37.11
C GLY D 22 29.70 -5.46 -38.32
N LEU D 23 29.37 -6.74 -38.31
CA LEU D 23 29.66 -7.60 -39.45
C LEU D 23 28.81 -7.25 -40.66
N LEU D 24 27.61 -6.72 -40.45
CA LEU D 24 26.76 -6.30 -41.57
C LEU D 24 27.40 -5.23 -42.43
N PRO D 25 27.87 -4.10 -41.88
CA PRO D 25 28.68 -3.19 -42.69
C PRO D 25 29.93 -3.84 -43.25
N ALA D 26 30.54 -4.74 -42.49
CA ALA D 26 31.75 -5.40 -42.95
C ALA D 26 31.48 -6.28 -44.16
N ALA D 27 30.38 -7.04 -44.14
CA ALA D 27 30.05 -7.90 -45.27
C ALA D 27 29.81 -7.08 -46.53
N TYR D 28 29.17 -5.93 -46.39
CA TYR D 28 28.89 -5.11 -47.58
C TYR D 28 30.14 -4.44 -48.11
N LEU D 29 31.07 -4.06 -47.23
CA LEU D 29 32.26 -3.29 -47.59
C LEU D 29 33.49 -4.15 -47.85
N TYR D 30 33.74 -5.19 -47.05
CA TYR D 30 34.92 -6.03 -47.20
C TYR D 30 34.55 -7.51 -47.25
N PRO D 31 33.66 -7.91 -48.17
CA PRO D 31 33.30 -9.33 -48.25
C PRO D 31 34.53 -10.15 -48.59
N GLY D 32 34.52 -11.39 -48.12
CA GLY D 32 35.70 -12.22 -48.21
C GLY D 32 35.68 -13.28 -47.12
N PRO D 33 36.69 -14.15 -47.13
CA PRO D 33 36.71 -15.26 -46.16
C PRO D 33 36.72 -14.84 -44.70
N ALA D 34 37.41 -13.76 -44.34
CA ALA D 34 37.45 -13.34 -42.94
C ALA D 34 36.06 -12.99 -42.44
N VAL D 35 35.31 -12.23 -43.23
CA VAL D 35 33.94 -11.90 -42.87
C VAL D 35 33.07 -13.15 -42.86
N ASP D 36 33.20 -13.99 -43.89
CA ASP D 36 32.33 -15.16 -44.04
C ASP D 36 32.39 -16.07 -42.82
N TYR D 37 33.58 -16.28 -42.28
CA TYR D 37 33.68 -17.15 -41.12
C TYR D 37 33.31 -16.43 -39.84
N SER D 38 33.55 -15.12 -39.78
CA SER D 38 33.10 -14.37 -38.61
C SER D 38 31.58 -14.40 -38.53
N LEU D 39 30.91 -14.25 -39.68
CA LEU D 39 29.46 -14.37 -39.71
C LEU D 39 29.03 -15.78 -39.34
N ALA D 40 29.80 -16.78 -39.77
CA ALA D 40 29.47 -18.16 -39.41
C ALA D 40 29.50 -18.34 -37.90
N ALA D 41 30.58 -17.87 -37.27
CA ALA D 41 30.71 -17.99 -35.82
C ALA D 41 29.70 -17.11 -35.09
N ALA D 42 29.60 -15.85 -35.49
CA ALA D 42 28.73 -14.91 -34.76
C ALA D 42 27.26 -15.27 -34.94
N LEU D 43 26.87 -15.67 -36.15
CA LEU D 43 25.47 -16.04 -36.38
C LEU D 43 25.08 -17.27 -35.58
N THR D 44 25.99 -18.25 -35.48
CA THR D 44 25.67 -19.46 -34.71
C THR D 44 25.62 -19.17 -33.21
N LEU D 45 26.56 -18.39 -32.70
CA LEU D 45 26.62 -18.12 -31.26
C LEU D 45 25.39 -17.32 -30.80
N HIS D 46 25.07 -16.23 -31.51
CA HIS D 46 23.96 -15.36 -31.15
C HIS D 46 22.63 -16.11 -31.21
N GLY D 47 22.44 -16.94 -32.22
CA GLY D 47 21.21 -17.69 -32.31
C GLY D 47 21.15 -18.81 -31.29
N HIS D 48 22.31 -19.40 -30.97
CA HIS D 48 22.33 -20.43 -29.93
C HIS D 48 21.95 -19.83 -28.58
N TRP D 49 22.55 -18.69 -28.22
CA TRP D 49 22.21 -18.01 -26.98
C TRP D 49 20.77 -17.53 -26.98
N GLY D 50 20.34 -16.93 -28.09
CA GLY D 50 18.98 -16.42 -28.17
C GLY D 50 17.93 -17.52 -28.10
N LEU D 51 18.14 -18.62 -28.83
CA LEU D 51 17.21 -19.74 -28.74
C LEU D 51 17.21 -20.38 -27.36
N GLY D 52 18.35 -20.35 -26.66
CA GLY D 52 18.37 -20.78 -25.28
C GLY D 52 17.52 -19.94 -24.34
N GLN D 53 17.38 -18.65 -24.60
CA GLN D 53 16.49 -17.81 -23.79
C GLN D 53 15.04 -18.17 -24.03
N VAL D 54 14.70 -18.49 -25.27
CA VAL D 54 13.34 -18.96 -25.57
C VAL D 54 13.06 -20.26 -24.84
N ILE D 55 14.04 -21.18 -24.81
CA ILE D 55 13.87 -22.42 -24.10
C ILE D 55 13.71 -22.15 -22.60
N THR D 56 14.53 -21.26 -22.05
CA THR D 56 14.43 -20.94 -20.63
C THR D 56 13.06 -20.36 -20.28
N ASP D 57 12.52 -19.49 -21.15
CA ASP D 57 11.22 -18.89 -20.89
C ASP D 57 10.10 -19.93 -21.00
N TYR D 58 10.11 -20.74 -22.05
CA TYR D 58 8.89 -21.46 -22.44
C TYR D 58 8.86 -22.93 -22.06
N VAL D 59 10.01 -23.56 -21.78
CA VAL D 59 10.09 -24.99 -21.54
C VAL D 59 10.26 -25.24 -20.05
N HIS D 60 9.41 -26.10 -19.47
CA HIS D 60 9.45 -26.33 -18.03
C HIS D 60 9.48 -27.82 -17.70
N GLY D 61 10.11 -28.14 -16.56
CA GLY D 61 10.35 -29.51 -16.14
C GLY D 61 11.74 -30.00 -16.50
N ASP D 62 12.43 -30.68 -15.56
CA ASP D 62 13.86 -30.95 -15.72
C ASP D 62 14.16 -31.77 -16.97
N THR D 63 13.32 -32.74 -17.28
CA THR D 63 13.55 -33.55 -18.49
C THR D 63 13.29 -32.76 -19.77
N PRO D 64 12.13 -32.11 -19.95
CA PRO D 64 11.94 -31.33 -21.18
C PRO D 64 12.99 -30.25 -21.37
N ILE D 65 13.45 -29.64 -20.29
CA ILE D 65 14.51 -28.65 -20.37
C ILE D 65 15.80 -29.29 -20.89
N LYS D 66 16.15 -30.46 -20.36
CA LYS D 66 17.38 -31.14 -20.76
C LYS D 66 17.31 -31.57 -22.23
N VAL D 67 16.12 -31.96 -22.68
CA VAL D 67 15.94 -32.39 -24.05
C VAL D 67 16.01 -31.23 -25.03
N ALA D 68 15.34 -30.12 -24.69
CA ALA D 68 15.33 -28.96 -25.57
C ALA D 68 16.74 -28.40 -25.71
N ASN D 69 17.45 -28.26 -24.60
CA ASN D 69 18.79 -27.71 -24.66
C ASN D 69 19.75 -28.64 -25.39
N THR D 70 19.55 -29.95 -25.27
CA THR D 70 20.42 -30.89 -25.97
C THR D 70 20.15 -30.88 -27.45
N GLY D 71 18.87 -30.86 -27.84
CA GLY D 71 18.53 -30.73 -29.24
C GLY D 71 19.07 -29.45 -29.85
N LEU D 72 19.19 -28.40 -29.03
CA LEU D 72 19.61 -27.09 -29.52
C LEU D 72 21.11 -27.07 -29.78
N TYR D 73 21.90 -27.68 -28.89
CA TYR D 73 23.32 -27.85 -29.13
C TYR D 73 23.57 -28.58 -30.45
N VAL D 74 22.79 -29.64 -30.71
CA VAL D 74 22.94 -30.36 -31.96
C VAL D 74 22.58 -29.47 -33.13
N LEU D 75 21.45 -28.78 -33.03
CA LEU D 75 21.07 -27.84 -34.09
C LEU D 75 22.16 -26.80 -34.31
N SER D 76 22.71 -26.25 -33.22
CA SER D 76 23.74 -25.22 -33.36
C SER D 76 25.05 -25.80 -33.89
N ALA D 77 25.43 -26.99 -33.44
CA ALA D 77 26.70 -27.55 -33.89
C ALA D 77 26.63 -27.93 -35.36
N ILE D 78 25.48 -28.44 -35.80
CA ILE D 78 25.31 -28.74 -37.21
C ILE D 78 25.24 -27.44 -38.02
N THR D 79 24.58 -26.42 -37.48
CA THR D 79 24.50 -25.14 -38.17
C THR D 79 25.88 -24.57 -38.46
N PHE D 80 26.73 -24.50 -37.43
CA PHE D 80 28.05 -23.88 -37.62
C PHE D 80 28.91 -24.69 -38.59
N THR D 81 28.85 -26.02 -38.52
CA THR D 81 29.60 -26.86 -39.45
C THR D 81 29.16 -26.63 -40.88
N GLY D 82 27.85 -26.55 -41.10
CA GLY D 82 27.36 -26.38 -42.46
C GLY D 82 27.72 -25.02 -43.01
N LEU D 83 27.68 -23.98 -42.16
CA LEU D 83 28.09 -22.65 -42.60
C LEU D 83 29.57 -22.63 -42.95
N CYS D 84 30.41 -23.27 -42.14
CA CYS D 84 31.82 -23.37 -42.48
C CYS D 84 32.02 -24.22 -43.72
N TYR D 85 31.25 -25.31 -43.84
CA TYR D 85 31.23 -26.09 -45.07
C TYR D 85 30.94 -25.20 -46.27
N PHE D 86 29.87 -24.41 -46.19
CA PHE D 86 29.49 -23.58 -47.33
C PHE D 86 30.57 -22.56 -47.66
N ASN D 87 31.27 -22.06 -46.64
CA ASN D 87 32.31 -21.05 -46.85
C ASN D 87 33.55 -21.66 -47.49
N TYR D 88 33.80 -22.94 -47.23
CA TYR D 88 35.01 -23.58 -47.74
C TYR D 88 34.79 -24.23 -49.11
N TYR D 89 33.71 -24.99 -49.25
CA TYR D 89 33.47 -25.75 -50.47
C TYR D 89 32.58 -25.04 -51.46
N ASP D 90 31.87 -23.99 -51.03
CA ASP D 90 31.00 -23.24 -51.93
C ASP D 90 31.46 -21.77 -51.96
N VAL D 91 30.58 -20.87 -52.42
CA VAL D 91 30.95 -19.47 -52.63
C VAL D 91 31.04 -18.64 -51.36
N GLY D 92 30.63 -19.17 -50.21
CA GLY D 92 30.67 -18.42 -48.99
C GLY D 92 29.48 -17.46 -48.85
N ILE D 93 29.26 -17.01 -47.60
CA ILE D 93 28.04 -16.29 -47.24
C ILE D 93 27.90 -14.99 -48.03
N CYS D 94 28.96 -14.17 -48.05
CA CYS D 94 28.85 -12.84 -48.68
C CYS D 94 28.54 -12.94 -50.17
N LYS D 95 29.25 -13.83 -50.87
CA LYS D 95 29.00 -14.02 -52.30
C LYS D 95 27.60 -14.57 -52.55
N ALA D 96 27.15 -15.53 -51.74
CA ALA D 96 25.81 -16.09 -51.92
C ALA D 96 24.74 -15.00 -51.87
N VAL D 97 24.83 -14.11 -50.88
CA VAL D 97 23.85 -13.04 -50.74
C VAL D 97 23.85 -12.17 -51.98
N ALA D 98 25.04 -11.73 -52.41
CA ALA D 98 25.17 -10.96 -53.65
C ALA D 98 24.61 -11.71 -54.85
N MET D 99 24.87 -13.02 -54.94
CA MET D 99 24.31 -13.80 -56.05
C MET D 99 22.80 -13.84 -55.99
N LEU D 100 22.25 -14.07 -54.79
CA LEU D 100 20.80 -14.07 -54.61
C LEU D 100 20.20 -12.75 -55.03
N TRP D 101 20.85 -11.65 -54.66
CA TRP D 101 20.26 -10.34 -54.95
C TRP D 101 20.32 -9.99 -56.42
N SER D 102 21.24 -10.58 -57.18
CA SER D 102 21.28 -10.34 -58.62
C SER D 102 20.18 -11.06 -59.39
N ILE D 103 19.42 -11.94 -58.74
CA ILE D 103 18.30 -12.61 -59.40
C ILE D 103 17.28 -11.58 -59.87
PA FAD E . -4.31 1.18 11.51
O1A FAD E . -5.64 1.84 11.23
O2A FAD E . -3.10 1.53 10.66
O5B FAD E . -4.45 -0.40 11.34
C5B FAD E . -5.47 -1.19 11.93
C4B FAD E . -4.85 -2.57 11.91
O4B FAD E . -5.70 -3.39 12.71
C3B FAD E . -4.90 -3.11 10.49
O3B FAD E . -3.76 -3.92 10.25
C2B FAD E . -6.08 -4.05 10.48
O2B FAD E . -5.80 -5.12 9.56
C1B FAD E . -6.14 -4.50 11.93
N9A FAD E . -7.52 -4.92 12.27
C8A FAD E . -8.61 -4.13 12.32
N7A FAD E . -9.70 -4.89 12.64
C5A FAD E . -9.26 -6.17 12.74
C6A FAD E . -9.90 -7.45 13.05
N6A FAD E . -11.24 -7.54 13.27
N1A FAD E . -9.15 -8.55 13.09
C2A FAD E . -7.83 -8.44 12.84
N3A FAD E . -7.18 -7.33 12.56
C4A FAD E . -7.89 -6.18 12.49
N1 FAD E . -1.12 10.62 12.04
C2 FAD E . 0.07 11.26 12.17
O2 FAD E . 0.60 11.27 13.30
N3 FAD E . 0.68 11.86 11.12
C4 FAD E . 0.08 11.82 9.92
O4 FAD E . 0.64 12.37 8.94
C4X FAD E . -1.16 11.17 9.72
N5 FAD E . -1.77 11.15 8.54
C5X FAD E . -2.96 10.49 8.39
C6 FAD E . -3.61 10.41 7.15
C7 FAD E . -4.84 9.74 7.01
C7M FAD E . -5.51 9.69 5.67
C8 FAD E . -5.42 9.12 8.14
C8M FAD E . -6.74 8.39 8.09
C9 FAD E . -4.78 9.18 9.38
C9A FAD E . -3.57 9.86 9.49
N10 FAD E . -2.96 9.91 10.72
C10 FAD E . -1.73 10.56 10.85
C1' FAD E . -3.57 9.24 11.90
C2' FAD E . -2.82 7.91 11.99
O2' FAD E . -2.35 7.50 10.69
C3' FAD E . -3.66 6.75 12.49
O3' FAD E . -4.34 7.13 13.69
C4' FAD E . -2.78 5.54 12.73
O4' FAD E . -2.01 5.21 11.56
C5' FAD E . -3.58 4.32 13.16
O5' FAD E . -2.59 3.31 13.32
P FAD E . -2.88 1.91 14.03
O1P FAD E . -1.62 1.08 13.93
O2P FAD E . -3.49 2.06 15.41
O3P FAD E . -4.04 1.25 13.12
C1 Y3P F . -1.90 15.26 8.14
O1 Y3P F . -2.36 16.38 7.90
C2 Y3P F . -2.45 14.44 9.34
O2 Y3P F . -1.01 14.70 7.49
C3 Y3P F . -1.85 14.46 10.51
O3 Y3P F . -3.61 13.70 9.09
C4 Y3P F . -2.32 13.69 11.73
O4 Y3P F . -3.47 13.11 11.66
O5 Y3P F . -1.57 13.66 12.75
HC3 Y3P F . -1.08 14.96 10.66
HO3 Y3P F . -4.24 14.15 9.45
K K G . -7.44 6.87 20.27
MN UNL H . -39.24 -4.55 13.78
N1 UNL H . -38.49 -5.53 15.75
N2 UNL H . -37.92 -6.55 15.64
N3 UNL H . -37.37 -7.57 15.53
O1 UNL H . -38.39 -2.77 13.61
O2 UNL H . -40.68 -6.00 13.72
C2 PEG I . -18.81 3.30 4.01
O2 PEG I . -17.86 2.22 3.95
C3 PEG I . -18.47 1.00 3.50
C4 PEG I . -17.52 -0.20 3.60
O4 PEG I . -18.21 -1.46 3.49
C1 UNL J . -12.10 -8.57 3.65
C3 UNL J . -11.41 -6.83 5.36
C5 UNL J . -12.96 -5.27 5.09
C6 UNL J . -13.15 -6.34 4.24
C7 UNL J . -14.28 -6.42 3.27
N2 UNL J . -12.22 -7.28 4.39
N4 UNL J . -11.85 -5.61 5.79
C UNL K . 5.89 25.02 32.37
O1 UNL K . 6.32 26.09 32.81
O2 UNL K . 4.78 24.59 32.09
O3 UNL K . 6.79 23.92 32.61
C UNL L . -16.34 7.32 0.72
O1 UNL L . -17.41 7.85 0.41
O2 UNL L . -15.30 7.73 1.21
O3 UNL L . -16.22 5.94 0.34
C1 UNL M . 9.46 13.50 -6.61
C2 UNL M . 8.15 12.75 -6.47
O1 UNL M . 9.49 14.56 -5.69
S2 UNL M . 8.18 11.67 -5.02
C1 UNL N . -10.20 16.54 38.72
C2 UNL N . -8.95 15.80 38.30
O1 UNL N . -10.10 16.92 40.07
S2 UNL N . -9.34 14.73 36.90
C MOH O . -33.00 2.98 23.90
O MOH O . -31.72 2.54 24.33
O UNL P . -18.91 10.29 -0.50
C1 UNL P . -18.94 10.65 0.87
N1 UNL Q . -4.01 8.00 23.47
N2 UNL Q . -5.03 8.57 23.50
N3 UNL Q . -6.04 9.16 23.53
N1 UNL R . -3.22 -16.64 0.81
N2 UNL R . -4.11 -16.11 0.29
N3 UNL R . -5.01 -15.57 -0.24
O1 UNL S . -21.70 -1.47 33.51
O2 UNL S . -21.19 -0.99 34.50
O1 UNL T . 14.72 27.78 19.60
O2 UNL T . 14.22 28.28 20.59
O1 UNL U . 12.54 26.43 29.23
O2 UNL U . 12.77 26.01 28.11
O UNL V . -11.71 26.90 33.42
C1 UNL V . -11.74 26.83 32.01
C2 UNL V . -13.03 27.41 31.43
N1 UNL W . -6.09 3.89 4.19
N2 UNL W . -6.01 2.73 3.95
N3 UNL W . -5.95 1.58 3.70
N1 UNL X . -7.02 -5.49 1.65
N2 UNL X . -6.19 -6.26 1.97
N3 UNL X . -5.36 -7.04 2.30
O UNL Y . -24.85 -23.96 14.15
O UNL Z . -38.61 -3.66 8.96
O UNL AA . 12.85 -2.52 22.30
O UNL BA . -19.52 1.22 44.46
O UNL CA . -12.32 16.52 40.87
O UNL DA . 3.74 21.40 38.14
FE1 FES EA . -7.45 1.21 -4.19
FE2 FES EA . -6.30 1.33 -1.69
S1 FES EA . -8.38 0.83 -2.20
S2 FES EA . -5.33 1.37 -3.66
FE1 SF4 FA . 4.43 -2.23 -9.46
FE2 SF4 FA . 3.93 0.32 -9.49
FE3 SF4 FA . 4.77 -0.89 -7.16
FE4 SF4 FA . 2.28 -1.33 -7.95
S1 SF4 FA . 3.15 0.62 -7.31
S2 SF4 FA . 3.75 -2.88 -7.34
S3 SF4 FA . 2.58 -1.28 -10.28
S4 SF4 FA . 5.94 -0.56 -9.15
FE1 F3S GA . 8.36 -7.62 -17.73
FE3 F3S GA . 8.74 -5.04 -17.37
FE4 F3S GA . 10.89 -6.53 -17.94
S1 F3S GA . 7.06 -6.00 -18.42
S2 F3S GA . 10.04 -8.16 -19.24
S3 F3S GA . 9.62 -6.66 -16.04
S4 F3S GA . 10.54 -4.42 -18.58
K K HA . 24.63 1.43 -1.10
C1 UNL IA . 1.25 -16.60 -9.74
C2 UNL IA . 0.95 -18.07 -9.96
O1 UNL IA . 2.63 -16.34 -9.97
S2 UNL IA . 1.00 -18.56 -11.71
N1 UNL JA . 23.88 4.96 -3.59
N2 UNL JA . 24.70 4.54 -2.86
N3 UNL JA . 25.51 4.12 -2.14
N1 UNL KA . 21.38 -9.74 1.31
N2 UNL KA . 20.43 -9.72 0.65
N3 UNL KA . 19.47 -9.70 -0.03
N1 UNL LA . -3.82 -7.12 -0.20
N2 UNL LA . -3.66 -8.28 -0.12
N3 UNL LA . -3.47 -9.43 -0.03
N1 UNL MA . 19.34 7.99 -9.34
N2 UNL MA . 19.03 9.10 -9.25
N3 UNL MA . 18.74 10.22 -9.18
C1 UNL NA . 14.58 5.86 -10.33
C2 UNL NA . 14.97 5.08 -11.64
C3 UNL NA . 13.81 4.08 -11.87
O1 UNL NA . 15.45 6.94 -10.22
O2 UNL NA . 16.20 4.45 -11.56
O3 UNL NA . 12.66 4.85 -12.00
C UNL OA . -13.57 -16.02 -18.41
O1 UNL OA . -12.47 -16.41 -18.02
O2 UNL OA . -14.71 -16.18 -17.97
O3 UNL OA . -13.57 -15.48 -19.74
O1 UNL PA . 18.20 -16.49 5.73
O2 UNL PA . 17.59 -16.02 4.79
C1 UNL QA . -20.30 4.81 -5.45
C2 UNL QA . -20.54 4.18 -4.07
O1 UNL QA . -20.86 6.12 -5.51
O2 UNL QA . -19.85 2.94 -3.98
C UNL RA . -33.24 11.28 -16.46
O1 UNL RA . -32.98 10.44 -17.32
O2 UNL RA . -33.87 11.22 -15.40
O3 UNL RA . -32.23 12.30 -16.37
O UNL SA . -14.45 7.72 -1.57
O UNL TA . 0.76 -20.44 -18.40
O UNL UA . -1.66 7.74 -3.37
O UNL VA . 9.16 7.90 -16.36
O UNL VA . 11.03 7.38 -16.35
O UNL WA . 20.92 -0.06 11.75
CHA HEM XA . 17.91 -11.87 -29.68
CHB HEM XA . 18.53 -14.31 -33.91
CHC HEM XA . 20.74 -10.37 -35.72
CHD HEM XA . 20.19 -8.00 -31.49
C1A HEM XA . 17.90 -12.82 -30.70
C2A HEM XA . 17.25 -14.10 -30.57
C3A HEM XA . 17.41 -14.77 -31.71
C4A HEM XA . 18.18 -13.95 -32.62
CMA HEM XA . 16.89 -16.20 -32.03
CAA HEM XA . 16.51 -14.54 -29.30
CBA HEM XA . 15.13 -13.87 -29.33
CGA HEM XA . 14.63 -13.58 -27.92
O1A HEM XA . 13.51 -13.02 -27.83
O2A HEM XA . 15.33 -13.90 -26.92
C1B HEM XA . 19.20 -13.49 -34.78
C2B HEM XA . 19.72 -13.84 -36.10
C3B HEM XA . 20.32 -12.75 -36.58
C4B HEM XA . 20.23 -11.67 -35.60
CMB HEM XA . 19.58 -15.21 -36.80
CAB HEM XA . 20.99 -12.68 -37.97
C1C HEM XA . 20.80 -9.37 -34.74
C2C HEM XA . 21.37 -8.04 -34.89
C3C HEM XA . 21.23 -7.40 -33.73
C4C HEM XA . 20.56 -8.29 -32.79
CMC HEM XA . 22.06 -7.44 -36.15
CAC HEM XA . 21.70 -5.94 -33.44
C1D HEM XA . 19.52 -8.83 -30.63
C2D HEM XA . 19.26 -8.57 -29.23
C3D HEM XA . 18.63 -9.62 -28.70
C4D HEM XA . 18.50 -10.62 -29.76
CMD HEM XA . 19.67 -7.26 -28.52
CAD HEM XA . 18.18 -9.77 -27.23
CBD HEM XA . 16.73 -9.33 -27.01
CGD HEM XA . 16.41 -9.49 -25.53
O1D HEM XA . 17.33 -9.38 -24.69
O2D HEM XA . 15.23 -9.75 -25.19
NA HEM XA . 18.48 -12.75 -31.97
NB HEM XA . 19.54 -12.17 -34.52
NC HEM XA . 20.31 -9.49 -33.45
ND HEM XA . 19.05 -10.11 -30.91
FE HEM XA . 19.28 -11.14 -32.74
OAE 9AU YA . 2.29 -14.61 -26.31
CAY 9AU YA . 3.09 -13.99 -25.70
OAS 9AU YA . 2.90 -12.58 -25.48
CAZ 9AU YA . 4.12 -11.73 -25.32
CBA 9AU YA . 5.35 -12.32 -24.96
CAM 9AU YA . 6.51 -11.55 -24.84
CAK 9AU YA . 6.43 -10.18 -25.05
CAJ 9AU YA . 5.21 -9.59 -25.38
CAL 9AU YA . 4.05 -10.35 -25.53
CAW 9AU YA . 5.44 -13.80 -24.72
OAF 9AU YA . 6.56 -14.20 -23.97
CAX 9AU YA . 4.32 -14.65 -25.14
CAP 9AU YA . 4.45 -16.20 -25.28
CAI 9AU YA . 4.82 -16.63 -26.74
CAV 9AU YA . 5.11 -17.91 -27.05
CAD 9AU YA . 5.09 -19.02 -25.98
CAR 9AU YA . 5.49 -18.24 -28.53
CAO 9AU YA . 6.62 -17.30 -29.02
CAH 9AU YA . 7.47 -17.96 -30.13
C2 UMQ ZA . -2.55 3.68 -25.07
C4 UMQ ZA . -2.82 6.20 -25.21
C5 UMQ ZA . -1.87 6.14 -26.40
C6 UMQ ZA . -1.21 7.50 -26.62
O2 UMQ ZA . -3.25 2.43 -25.15
O4 UMQ ZA . -3.77 7.26 -25.39
C1 UMQ ZA . -1.50 3.76 -26.21
C3 UMQ ZA . -3.53 4.86 -25.04
O1 UMQ ZA . -2.05 3.37 -27.48
O3 UMQ ZA . -4.26 4.88 -23.80
O5 UMQ ZA . -0.91 5.07 -26.25
O6 UMQ ZA . -0.29 7.79 -25.56
C1' UMQ ZA . -2.08 -0.05 -29.88
C2' UMQ ZA . -3.04 -0.05 -28.69
C3' UMQ ZA . -3.22 1.36 -28.18
C4' UMQ ZA . -1.88 1.99 -27.83
C5' UMQ ZA . -0.96 1.86 -29.03
C6' UMQ ZA . 0.40 2.50 -28.75
O1' UMQ ZA . -1.98 -1.41 -30.32
O3' UMQ ZA . -4.08 1.29 -27.04
O5' UMQ ZA . -0.84 0.48 -29.42
O6' UMQ ZA . 1.11 1.83 -27.70
O2' UMQ ZA . -4.32 -0.58 -29.07
CA UMQ ZA . -0.98 -1.68 -31.30
CB UMQ ZA . -0.84 -3.20 -31.44
CC UMQ ZA . -0.78 -3.63 -32.90
CD UMQ ZA . 0.62 -3.56 -33.50
CF UMQ ZA . 0.67 -4.18 -34.91
CG UMQ ZA . 1.94 -4.98 -35.15
CH UMQ ZA . 3.09 -4.08 -35.59
CI UMQ ZA . 4.38 -4.35 -34.81
CJ UMQ ZA . 5.26 -5.35 -35.56
CK UMQ ZA . 5.69 -4.84 -36.94
CL UMQ ZA . 6.73 -5.74 -37.58
O UNL AB . 5.53 -13.06 3.73
C1 UNL AB . 4.68 -12.98 4.87
C2 UNL AB . 5.38 -13.16 6.21
O UNL BB . 20.88 -21.24 -35.77
C1 UNL BB . 21.19 -22.01 -34.63
C2 UNL BB . 22.49 -21.55 -33.97
C10 UNL CB . 12.98 -17.19 -49.84
C11 UNL CB . 11.99 -16.98 -50.97
C2 UNL CB . 24.06 -17.22 -43.49
C3 UNL CB . 22.70 -17.76 -43.89
C4 UNL CB . 20.89 -17.37 -45.37
C5 UNL CB . 20.68 -16.75 -46.75
C6 UNL CB . 19.84 -17.26 -48.90
C7 UNL CB . 18.87 -18.16 -49.66
C8 UNL CB . 16.52 -18.34 -49.97
C9 UNL CB . 15.19 -17.93 -49.33
O2 UNL CB . 22.09 -16.84 -44.79
O3 UNL CB . 19.79 -17.55 -47.51
O4 UNL CB . 17.58 -18.10 -49.04
O5 UNL CB . 14.20 -17.72 -50.35
O6 UNL CB . 10.97 -16.08 -50.56
C1 UNL DB . 27.68 0.32 -37.21
C2 UNL DB . 26.17 0.25 -37.29
C3 UNL DB . 24.32 -0.39 -38.63
C4 UNL DB . 23.86 -1.14 -39.87
C5 UNL DB . 21.95 -1.66 -41.17
C6 UNL DB . 20.47 -2.06 -41.08
C7 UNL DB . 18.95 -3.62 -42.05
C8 UNL DB . 19.14 -4.94 -42.80
O1 UNL DB . 28.21 -0.92 -36.71
O2 UNL DB . 25.74 -0.36 -38.51
O3 UNL DB . 22.44 -1.20 -39.91
O4 UNL DB . 20.11 -2.81 -42.24
C1 UNL EB . 5.42 -12.61 -34.61
C2 UNL EB . 6.33 -12.18 -35.76
C3 UNL EB . 7.47 -12.97 -37.70
C4 UNL EB . 8.12 -14.19 -38.36
O2 UNL EB . 6.87 -13.32 -36.45
N1 UNL FB . 15.32 -19.67 3.56
N2 UNL FB . 14.68 -18.85 3.01
N3 UNL FB . 14.06 -18.04 2.45
C UNL GB . 6.94 -24.92 -8.98
O1 UNL GB . 7.63 -24.20 -8.26
O2 UNL GB . 6.36 -24.72 -10.06
O3 UNL GB . 6.60 -26.19 -8.41
C10 UNL HB . 0.00 -9.44 -32.46
C2 UNL HB . -2.80 -8.90 -30.89
C3 UNL HB . -4.27 -8.46 -31.03
C5 UNL HB . -3.45 -6.14 -31.48
C6 UNL HB . -2.03 -6.64 -31.30
C7 UNL HB . -5.76 -6.50 -30.60
C8 UNL HB . -5.73 -4.98 -30.47
C9 UNL HB . -0.51 -8.45 -31.43
N1 UNL HB . -1.90 -8.05 -31.69
N4 UNL HB . -4.43 -7.03 -30.85
O1S UNL HB . 1.84 -8.33 -34.07
O2S UNL HB . 2.37 -8.43 -31.76
O3S UNL HB . 2.43 -10.43 -33.08
O8 UNL HB . -7.05 -4.50 -30.33
S UNL HB . 1.74 -9.15 -32.86
C1 UNL IB . 23.22 -24.00 -50.96
C2 UNL IB . 21.91 -24.09 -50.17
O1 UNL IB . 23.60 -25.26 -51.47
S2 UNL IB . 20.73 -22.82 -50.68
C UNL JB . 14.42 -14.50 -55.04
O1 UNL JB . 15.13 -13.50 -54.97
O2 UNL JB . 13.71 -15.49 -55.10
C UNL KB . 16.62 3.26 -32.18
O1 UNL KB . 16.90 2.49 -33.09
O2 UNL KB . 16.33 4.01 -31.27
O UNL LB . 17.33 8.57 -21.96
O UNL MB . 7.32 6.84 -18.07
O UNL NB . 30.13 -23.43 -55.69
O UNL OB . 2.25 -19.35 1.18
O UNL PB . 9.15 -18.67 -35.98
O UNL QB . 14.52 8.39 -20.63
O UNL RB . 13.80 -15.72 -42.87
O UNL SB . -0.63 -19.51 -22.77
P 3PE TB . 24.82 -5.83 -55.32
N 3PE TB . 27.78 -2.85 -54.58
O11 3PE TB . 25.68 -6.68 -54.24
O12 3PE TB . 24.88 -6.58 -56.64
O13 3PE TB . 25.61 -4.43 -55.50
O14 3PE TB . 23.48 -5.50 -54.72
C11 3PE TB . 26.78 -4.30 -56.32
C12 3PE TB . 27.43 -2.94 -56.04
C1 3PE TB . 26.29 -6.11 -53.07
C2 3PE TB . 25.68 -6.69 -51.78
C3 3PE TB . 24.16 -6.66 -51.96
O31 3PE TB . 23.49 -7.17 -50.80
O32 3PE TB . 21.51 -6.19 -51.40
C31 3PE TB . 22.04 -7.07 -50.73
C32 3PE TB . 21.19 -8.00 -49.89
C33 3PE TB . 21.12 -7.62 -48.41
C34 3PE TB . 19.96 -8.37 -47.72
C35 3PE TB . 20.44 -9.54 -46.85
C36 3PE TB . 19.28 -10.49 -46.52
C37 3PE TB . 19.76 -11.92 -46.33
C38 3PE TB . 18.65 -12.94 -46.48
C39 3PE TB . 17.94 -13.19 -45.15
O21 3PE TB . 26.10 -8.04 -51.52
O22 3PE TB . 28.14 -7.80 -50.40
C21 3PE TB . 26.99 -8.23 -50.37
C22 3PE TB . 26.50 -8.98 -49.15
C23 3PE TB . 26.57 -8.12 -47.89
C24 3PE TB . 25.47 -8.47 -46.88
C25 3PE TB . 25.73 -9.79 -46.15
C26 3PE TB . 24.63 -10.10 -45.12
C27 3PE TB . 25.02 -11.28 -44.24
C28 3PE TB . 24.02 -11.59 -43.13
C29 3PE TB . 22.80 -12.35 -43.66
C2A 3PE TB . 22.07 -13.06 -42.53
C2B 3PE TB . 20.65 -13.44 -42.96
C2C 3PE TB . 20.06 -14.48 -42.01
C2D 3PE TB . 18.62 -14.85 -42.40
C2E 3PE TB . 18.56 -15.99 -43.42
C2F 3PE TB . 17.13 -16.18 -43.91
C2G 3PE TB . 17.07 -16.81 -45.29
C2H 3PE TB . 17.22 -18.33 -45.21
C2I 3PE TB . 16.30 -19.01 -46.20
C1 UNL UB . 27.96 -20.33 -22.43
C2 UNL UB . 27.12 -21.04 -23.48
C3 UNL UB . 25.81 -21.65 -22.99
C4 UNL UB . 25.31 -22.79 -23.86
O1 UNL UB . 27.47 -20.09 -21.24
O2 UNL UB . 29.17 -19.97 -22.76
O3 UNL UB . 25.16 -21.21 -21.92
O4 UNL UB . 25.96 -23.05 -24.96
O5 UNL UB . 24.24 -23.48 -23.50
O6 UNL UB . 22.97 -24.19 -21.88
O7 UNL UB . 21.55 -24.26 -24.30
O1 UNL VB . 32.32 -20.22 -33.23
O2 UNL VB . 31.52 -22.34 -32.29
O3 UNL VB . 31.24 -20.24 -31.04
O4 UNL VB . 29.88 -20.66 -33.06
P UNL VB . 31.22 -20.86 -32.41
O UNL WB . 31.94 -14.87 -32.48
C2 UNL XB . 38.59 -14.77 -39.10
C3 UNL XB . 37.32 -16.52 -38.10
C4 UNL XB . 36.36 -16.86 -36.96
O2 UNL XB . 37.72 -15.15 -38.04
O4 UNL XB . 36.15 -18.28 -36.92
C1 UNL YB . 39.50 -11.75 -46.18
C2 UNL YB . 40.62 -12.40 -45.39
C3 UNL YB . 41.49 -14.56 -44.81
C4 UNL YB . 41.13 -16.04 -44.63
C5 UNL YB . 40.28 -17.64 -43.07
C6 UNL YB . 39.64 -17.78 -41.69
C7 UNL YB . 38.96 -19.37 -40.03
C8 UNL YB . 38.62 -20.83 -39.81
O2 UNL YB . 40.36 -13.80 -45.23
O3 UNL YB . 40.56 -16.26 -43.33
O4 UNL YB . 39.50 -19.17 -41.35
O5 UNL YB . 37.67 -20.97 -38.73
C1 UNL ZB . 41.13 -20.01 -46.10
C2 UNL ZB . 41.31 -21.09 -45.03
C3 UNL ZB . 40.01 -22.54 -43.64
C4 UNL ZB . 38.64 -23.22 -43.48
C5 UNL ZB . 37.26 -24.42 -41.95
C6 UNL ZB . 37.22 -24.65 -40.44
C7 UNL ZB . 35.98 -25.87 -38.84
C8 UNL ZB . 34.69 -25.83 -38.02
O2 UNL ZB . 40.08 -21.81 -44.86
O3 UNL ZB . 38.59 -24.06 -42.33
O4 UNL ZB . 35.91 -24.95 -39.94
O5 UNL ZB . 33.84 -26.94 -38.33
C1 UNL AC . 42.29 -25.98 -45.10
C2 UNL AC . 41.91 -27.44 -44.91
C3 UNL AC . 39.76 -28.45 -44.96
C4 UNL AC . 38.62 -28.89 -44.06
C5 UNL AC . 36.32 -28.45 -43.53
C6 UNL AC . 35.21 -27.44 -43.78
O1 UNL AC . 43.03 -25.83 -46.30
O2 UNL AC . 40.62 -27.54 -44.30
O3 UNL AC . 37.42 -28.22 -44.41
O4 UNL AC . 34.13 -27.68 -42.87
O UNL BC . 5.11 -21.08 -21.07
O UNL CC . 15.71 -26.94 -30.67
O UNL DC . 30.80 -30.37 -51.56
#